data_7NNR
#
_entry.id   7NNR
#
_cell.length_a   140.709
_cell.length_b   78.227
_cell.length_c   87.636
_cell.angle_alpha   90.000
_cell.angle_beta   127.510
_cell.angle_gamma   90.000
#
_symmetry.space_group_name_H-M   'C 1 2 1'
#
loop_
_entity.id
_entity.type
_entity.pdbx_description
1 polymer 'N-acetyl-gamma-glutamyl-phosphate reductase'
2 non-polymer '9~{H}-xanthene-9-carboxylic acid'
3 non-polymer 2-[BIS-(2-HYDROXY-ETHYL)-AMINO]-2-HYDROXYMETHYL-PROPANE-1,3-DIOL
4 water water
#
_entity_poly.entity_id   1
_entity_poly.type   'polypeptide(L)'
_entity_poly.pdbx_seq_one_letter_code
;GSMQNRQVANATKVAVAGASGYAGGEILRLLLGHPAYADGRLRIGALTAATSAGSTLGEHHPHLTPLAHRVVEPTEAAVL
GGHDAVFLALPHGHSAVLAQQLSPETLIIDCGADFRLTDAAVWERFYGSSHAGSWPYGLPELPGARDQLRGTRRIAVPGC
YPTAALLALFPALAADLIEPAVTVVAVSGTSGAGRAATTDLLGAEVIGSARAYNIAGVHRHTPEIAQGLRAVTDRDVSVS
FTPVLIPASRGILATCTARTRSPLSQLRAAYEKAYHAEPFIYLMPEGQLPRTGAVIGSNAAHIAVAVDEDAQTFVAIAAI
DNLVKGTAGAAVQSMNLALGWPETDGLSVVGVAP
;
_entity_poly.pdbx_strand_id   A,B
#
loop_
_chem_comp.id
_chem_comp.type
_chem_comp.name
_chem_comp.formula
BTB non-polymer 2-[BIS-(2-HYDROXY-ETHYL)-AMINO]-2-HYDROXYMETHYL-PROPANE-1,3-DIOL 'C8 H19 N O5'
UJQ non-polymer '9~{H}-xanthene-9-carboxylic acid' 'C14 H10 O3'
#
# COMPACT_ATOMS: atom_id res chain seq x y z
N ALA A 11 28.28 -6.82 5.08
CA ALA A 11 27.29 -6.04 4.35
C ALA A 11 26.97 -6.75 3.05
N THR A 12 25.77 -6.47 2.52
CA THR A 12 25.27 -7.06 1.29
C THR A 12 24.90 -5.92 0.35
N LYS A 13 25.66 -5.75 -0.72
CA LYS A 13 25.35 -4.77 -1.75
C LYS A 13 24.53 -5.44 -2.84
N VAL A 14 23.37 -4.87 -3.14
CA VAL A 14 22.35 -5.49 -3.97
C VAL A 14 22.23 -4.72 -5.29
N ALA A 15 22.17 -5.45 -6.40
CA ALA A 15 21.80 -4.85 -7.67
C ALA A 15 20.41 -5.35 -8.09
N VAL A 16 19.69 -4.53 -8.85
CA VAL A 16 18.40 -4.95 -9.42
C VAL A 16 18.48 -4.77 -10.92
N ALA A 17 18.50 -5.90 -11.65
CA ALA A 17 18.46 -5.89 -13.10
C ALA A 17 16.99 -5.93 -13.54
N GLY A 18 16.63 -5.06 -14.47
CA GLY A 18 15.22 -4.89 -14.76
C GLY A 18 14.54 -3.99 -13.76
N ALA A 19 15.26 -2.98 -13.26
CA ALA A 19 14.74 -2.15 -12.18
C ALA A 19 13.51 -1.35 -12.60
N SER A 20 13.33 -1.09 -13.89
CA SER A 20 12.25 -0.20 -14.31
C SER A 20 10.91 -0.91 -14.49
N GLY A 21 10.87 -2.24 -14.38
CA GLY A 21 9.62 -2.96 -14.45
C GLY A 21 8.91 -2.99 -13.10
N TYR A 22 7.71 -3.60 -13.09
CA TYR A 22 6.92 -3.59 -11.87
C TYR A 22 7.57 -4.42 -10.77
N ALA A 23 8.05 -5.62 -11.11
CA ALA A 23 8.71 -6.46 -10.11
C ALA A 23 9.94 -5.76 -9.54
N GLY A 24 10.72 -5.11 -10.42
CA GLY A 24 11.91 -4.42 -9.96
C GLY A 24 11.58 -3.25 -9.06
N GLY A 25 10.54 -2.50 -9.40
CA GLY A 25 10.11 -1.42 -8.53
C GLY A 25 9.63 -1.90 -7.19
N GLU A 26 8.98 -3.07 -7.14
CA GLU A 26 8.47 -3.58 -5.88
C GLU A 26 9.59 -4.16 -5.03
N ILE A 27 10.58 -4.82 -5.65
CA ILE A 27 11.77 -5.22 -4.90
C ILE A 27 12.40 -4.01 -4.24
N LEU A 28 12.53 -2.91 -4.99
CA LEU A 28 13.16 -1.72 -4.42
C LEU A 28 12.31 -1.13 -3.31
N ARG A 29 10.98 -1.15 -3.45
CA ARG A 29 10.14 -0.67 -2.36
C ARG A 29 10.40 -1.47 -1.08
N LEU A 30 10.48 -2.80 -1.20
CA LEU A 30 10.70 -3.63 -0.03
C LEU A 30 12.10 -3.42 0.54
N LEU A 31 13.10 -3.27 -0.32
CA LEU A 31 14.45 -3.06 0.20
C LEU A 31 14.53 -1.74 0.96
N LEU A 32 13.88 -0.69 0.45
CA LEU A 32 13.93 0.59 1.14
C LEU A 32 13.32 0.51 2.53
N GLY A 33 12.33 -0.35 2.73
CA GLY A 33 11.70 -0.52 4.02
C GLY A 33 12.30 -1.61 4.89
N HIS A 34 13.34 -2.27 4.43
CA HIS A 34 13.92 -3.42 5.11
C HIS A 34 14.80 -2.96 6.26
N PRO A 35 14.76 -3.64 7.41
CA PRO A 35 15.56 -3.17 8.55
C PRO A 35 17.06 -3.19 8.26
N ALA A 36 17.51 -4.04 7.33
CA ALA A 36 18.94 -4.06 7.01
C ALA A 36 19.34 -2.85 6.18
N TYR A 37 18.41 -2.30 5.40
CA TYR A 37 18.70 -1.03 4.74
C TYR A 37 18.87 0.07 5.78
N ALA A 38 18.00 0.08 6.80
CA ALA A 38 18.01 1.13 7.80
C ALA A 38 19.27 1.10 8.64
N ASP A 39 19.81 -0.07 8.95
CA ASP A 39 20.99 -0.12 9.82
C ASP A 39 22.29 -0.30 9.05
N GLY A 40 22.24 -0.25 7.72
CA GLY A 40 23.43 -0.18 6.91
C GLY A 40 23.96 -1.51 6.43
N ARG A 41 23.29 -2.61 6.77
CA ARG A 41 23.76 -3.93 6.40
C ARG A 41 23.42 -4.27 4.96
N LEU A 42 22.33 -3.72 4.43
CA LEU A 42 21.93 -3.91 3.05
C LEU A 42 22.07 -2.58 2.32
N ARG A 43 22.74 -2.61 1.17
CA ARG A 43 23.00 -1.40 0.42
C ARG A 43 22.53 -1.58 -1.01
N ILE A 44 21.87 -0.56 -1.55
CA ILE A 44 21.27 -0.64 -2.88
C ILE A 44 22.27 -0.08 -3.89
N GLY A 45 22.74 -0.95 -4.77
CA GLY A 45 23.70 -0.59 -5.81
C GLY A 45 23.07 -0.34 -7.15
N ALA A 46 23.63 -0.99 -8.18
CA ALA A 46 23.27 -0.72 -9.56
C ALA A 46 21.82 -1.09 -9.85
N LEU A 47 21.13 -0.21 -10.59
CA LEU A 47 19.77 -0.40 -11.07
C LEU A 47 19.81 -0.33 -12.59
N THR A 48 19.44 -1.43 -13.25
CA THR A 48 19.66 -1.55 -14.68
C THR A 48 18.38 -1.85 -15.44
N ALA A 49 18.41 -1.54 -16.74
CA ALA A 49 17.31 -1.85 -17.64
C ALA A 49 17.85 -2.05 -19.04
N ALA A 50 17.07 -2.76 -19.86
CA ALA A 50 17.50 -3.04 -21.23
C ALA A 50 17.35 -1.82 -22.13
N THR A 51 16.43 -0.93 -21.80
CA THR A 51 16.25 0.34 -22.48
C THR A 51 16.31 1.46 -21.45
N SER A 52 16.42 2.69 -21.94
CA SER A 52 16.36 3.89 -21.13
C SER A 52 17.55 4.06 -20.18
N ALA A 53 18.68 3.39 -20.43
CA ALA A 53 19.87 3.72 -19.67
C ALA A 53 20.18 5.20 -19.83
N GLY A 54 20.56 5.85 -18.72
CA GLY A 54 20.77 7.27 -18.68
C GLY A 54 19.59 8.06 -18.16
N SER A 55 18.39 7.50 -18.20
CA SER A 55 17.26 8.11 -17.51
C SER A 55 17.45 7.96 -16.00
N THR A 56 16.66 8.68 -15.23
CA THR A 56 16.67 8.53 -13.78
C THR A 56 15.54 7.59 -13.35
N LEU A 57 15.73 6.99 -12.17
CA LEU A 57 14.73 6.04 -11.69
C LEU A 57 13.38 6.71 -11.48
N GLY A 58 13.37 7.99 -11.09
CA GLY A 58 12.11 8.68 -10.84
C GLY A 58 11.23 8.77 -12.06
N GLU A 59 11.83 8.76 -13.25
CA GLU A 59 11.07 8.77 -14.50
C GLU A 59 10.30 7.46 -14.73
N HIS A 60 10.67 6.39 -14.03
CA HIS A 60 10.02 5.09 -14.15
C HIS A 60 9.19 4.72 -12.94
N HIS A 61 9.64 5.09 -11.74
CA HIS A 61 9.02 4.70 -10.48
C HIS A 61 8.92 5.94 -9.61
N PRO A 62 7.97 6.82 -9.90
CA PRO A 62 7.83 8.04 -9.09
C PRO A 62 7.46 7.77 -7.63
N HIS A 63 7.04 6.56 -7.29
CA HIS A 63 6.79 6.24 -5.88
C HIS A 63 8.06 6.02 -5.09
N LEU A 64 9.19 5.79 -5.75
CA LEU A 64 10.44 5.49 -5.06
C LEU A 64 11.29 6.76 -4.92
N THR A 65 10.73 7.80 -4.29
CA THR A 65 11.43 9.09 -4.29
C THR A 65 12.79 9.06 -3.61
N PRO A 66 13.08 8.22 -2.60
CA PRO A 66 14.44 8.22 -2.05
C PRO A 66 15.51 7.83 -3.05
N LEU A 67 15.14 7.15 -4.13
CA LEU A 67 16.05 6.71 -5.17
C LEU A 67 15.81 7.43 -6.48
N ALA A 68 15.00 8.49 -6.47
CA ALA A 68 14.54 9.12 -7.71
C ALA A 68 15.70 9.51 -8.61
N HIS A 69 16.78 10.00 -8.01
CA HIS A 69 17.93 10.54 -8.74
C HIS A 69 18.85 9.47 -9.31
N ARG A 70 18.68 8.19 -8.94
CA ARG A 70 19.56 7.13 -9.44
C ARG A 70 19.49 7.07 -10.96
N VAL A 71 20.66 6.97 -11.60
CA VAL A 71 20.72 6.87 -13.05
C VAL A 71 20.64 5.40 -13.45
N VAL A 72 19.67 5.07 -14.29
CA VAL A 72 19.51 3.71 -14.78
C VAL A 72 20.70 3.35 -15.66
N GLU A 73 21.26 2.17 -15.45
CA GLU A 73 22.42 1.70 -16.20
C GLU A 73 22.01 0.57 -17.13
N PRO A 74 22.82 0.25 -18.14
CA PRO A 74 22.48 -0.87 -19.02
C PRO A 74 22.58 -2.20 -18.27
N THR A 75 21.71 -3.13 -18.64
CA THR A 75 21.75 -4.48 -18.06
C THR A 75 22.89 -5.23 -18.72
N GLU A 76 24.03 -5.25 -18.04
CA GLU A 76 25.25 -5.87 -18.54
C GLU A 76 25.98 -6.45 -17.34
N ALA A 77 26.65 -7.59 -17.56
CA ALA A 77 27.38 -8.24 -16.48
C ALA A 77 28.39 -7.31 -15.82
N ALA A 78 29.06 -6.47 -16.61
CA ALA A 78 30.08 -5.60 -16.04
C ALA A 78 29.49 -4.61 -15.04
N VAL A 79 28.30 -4.09 -15.35
CA VAL A 79 27.62 -3.16 -14.44
C VAL A 79 27.18 -3.86 -13.16
N LEU A 80 26.79 -5.13 -13.26
CA LEU A 80 26.30 -5.88 -12.13
C LEU A 80 27.41 -6.48 -11.28
N GLY A 81 28.66 -6.42 -11.74
CA GLY A 81 29.77 -6.90 -10.95
C GLY A 81 29.93 -6.10 -9.66
N GLY A 82 30.58 -6.73 -8.69
CA GLY A 82 30.80 -6.08 -7.42
C GLY A 82 29.58 -5.98 -6.55
N HIS A 83 28.55 -6.78 -6.81
CA HIS A 83 27.35 -6.83 -5.97
C HIS A 83 27.21 -8.23 -5.38
N ASP A 84 26.93 -8.28 -4.09
CA ASP A 84 26.84 -9.57 -3.40
C ASP A 84 25.57 -10.32 -3.75
N ALA A 85 24.52 -9.60 -4.14
CA ALA A 85 23.24 -10.19 -4.51
C ALA A 85 22.74 -9.45 -5.74
N VAL A 86 22.18 -10.18 -6.69
CA VAL A 86 21.62 -9.59 -7.91
C VAL A 86 20.22 -10.14 -8.07
N PHE A 87 19.22 -9.25 -8.05
CA PHE A 87 17.85 -9.62 -8.41
C PHE A 87 17.71 -9.50 -9.92
N LEU A 88 17.30 -10.57 -10.58
CA LEU A 88 17.01 -10.53 -12.01
C LEU A 88 15.51 -10.33 -12.09
N ALA A 89 15.08 -9.07 -12.10
CA ALA A 89 13.68 -8.70 -11.94
C ALA A 89 13.01 -8.63 -13.31
N LEU A 90 13.03 -9.77 -13.99
CA LEU A 90 12.40 -9.94 -15.29
C LEU A 90 11.49 -11.16 -15.18
N PRO A 91 10.30 -10.99 -14.59
CA PRO A 91 9.41 -12.15 -14.39
C PRO A 91 9.00 -12.83 -15.68
N HIS A 92 9.05 -12.15 -16.82
CA HIS A 92 8.69 -12.75 -18.09
C HIS A 92 9.87 -12.88 -19.03
N GLY A 93 11.10 -12.76 -18.51
CA GLY A 93 12.29 -12.87 -19.30
C GLY A 93 13.02 -14.18 -19.03
N HIS A 94 14.12 -14.36 -19.74
CA HIS A 94 14.90 -15.59 -19.70
C HIS A 94 16.32 -15.22 -19.28
N SER A 95 16.66 -15.53 -18.05
CA SER A 95 17.84 -14.97 -17.41
C SER A 95 19.02 -15.92 -17.40
N ALA A 96 18.87 -17.13 -17.96
CA ALA A 96 19.97 -18.09 -17.93
C ALA A 96 21.25 -17.52 -18.53
N VAL A 97 21.15 -16.79 -19.66
CA VAL A 97 22.35 -16.28 -20.31
C VAL A 97 23.04 -15.23 -19.44
N LEU A 98 22.27 -14.32 -18.85
CA LEU A 98 22.87 -13.30 -18.00
C LEU A 98 23.42 -13.91 -16.72
N ALA A 99 22.69 -14.84 -16.10
CA ALA A 99 23.15 -15.46 -14.87
C ALA A 99 24.50 -16.13 -15.05
N GLN A 100 24.70 -16.75 -16.22
CA GLN A 100 25.97 -17.41 -16.54
C GLN A 100 27.13 -16.41 -16.60
N GLN A 101 26.83 -15.13 -16.86
CA GLN A 101 27.87 -14.12 -16.97
C GLN A 101 28.29 -13.53 -15.64
N LEU A 102 27.50 -13.70 -14.58
CA LEU A 102 27.81 -13.11 -13.29
C LEU A 102 28.87 -13.94 -12.55
N SER A 103 29.56 -13.31 -11.61
CA SER A 103 30.46 -14.05 -10.76
C SER A 103 29.67 -15.12 -9.99
N PRO A 104 30.08 -16.38 -10.04
CA PRO A 104 29.21 -17.46 -9.54
C PRO A 104 29.00 -17.44 -8.03
N GLU A 105 29.81 -16.72 -7.25
CA GLU A 105 29.54 -16.66 -5.82
C GLU A 105 28.45 -15.66 -5.46
N THR A 106 27.98 -14.90 -6.45
CA THR A 106 26.88 -13.97 -6.24
C THR A 106 25.63 -14.72 -5.82
N LEU A 107 24.86 -14.14 -4.90
CA LEU A 107 23.51 -14.61 -4.64
C LEU A 107 22.62 -14.12 -5.79
N ILE A 108 22.16 -15.04 -6.64
CA ILE A 108 21.41 -14.68 -7.83
C ILE A 108 19.96 -15.07 -7.60
N ILE A 109 19.06 -14.08 -7.69
CA ILE A 109 17.64 -14.29 -7.39
C ILE A 109 16.86 -13.98 -8.66
N ASP A 110 16.37 -15.03 -9.33
CA ASP A 110 15.73 -14.88 -10.64
C ASP A 110 14.22 -14.81 -10.46
N CYS A 111 13.62 -13.69 -10.87
CA CYS A 111 12.15 -13.60 -10.84
C CYS A 111 11.51 -14.32 -12.00
N GLY A 112 12.26 -14.69 -13.03
CA GLY A 112 11.73 -15.37 -14.19
C GLY A 112 11.64 -16.87 -13.98
N ALA A 113 11.34 -17.58 -15.07
CA ALA A 113 11.00 -18.99 -14.98
C ALA A 113 12.15 -19.95 -15.25
N ASP A 114 13.30 -19.47 -15.73
CA ASP A 114 14.29 -20.38 -16.34
C ASP A 114 14.78 -21.47 -15.38
N PHE A 115 14.75 -21.22 -14.07
CA PHE A 115 15.26 -22.18 -13.10
C PHE A 115 14.18 -22.72 -12.18
N ARG A 116 12.91 -22.63 -12.58
CA ARG A 116 11.82 -23.09 -11.72
C ARG A 116 11.50 -24.57 -11.89
N LEU A 117 11.53 -25.09 -13.11
CA LEU A 117 11.00 -26.42 -13.38
C LEU A 117 12.10 -27.47 -13.26
N THR A 118 11.68 -28.68 -12.89
CA THR A 118 12.60 -29.77 -12.63
C THR A 118 12.48 -30.91 -13.63
N ASP A 119 11.69 -30.73 -14.68
CA ASP A 119 11.52 -31.75 -15.71
C ASP A 119 11.85 -31.14 -17.06
N ALA A 120 12.90 -31.67 -17.71
CA ALA A 120 13.39 -31.06 -18.94
C ALA A 120 12.38 -31.18 -20.07
N ALA A 121 11.66 -32.31 -20.16
CA ALA A 121 10.68 -32.48 -21.23
C ALA A 121 9.51 -31.54 -21.06
N VAL A 122 9.06 -31.36 -19.82
CA VAL A 122 7.99 -30.39 -19.54
C VAL A 122 8.45 -28.99 -19.91
N TRP A 123 9.67 -28.62 -19.50
CA TRP A 123 10.19 -27.30 -19.85
C TRP A 123 10.15 -27.08 -21.36
N GLU A 124 10.70 -28.02 -22.12
CA GLU A 124 10.80 -27.83 -23.57
C GLU A 124 9.43 -27.73 -24.20
N ARG A 125 8.46 -28.51 -23.71
CA ARG A 125 7.12 -28.48 -24.26
C ARG A 125 6.48 -27.10 -24.09
N PHE A 126 6.65 -26.48 -22.91
CA PHE A 126 5.96 -25.24 -22.63
C PHE A 126 6.76 -23.99 -22.97
N TYR A 127 8.08 -24.07 -23.02
CA TYR A 127 8.89 -22.89 -23.24
C TYR A 127 9.68 -22.90 -24.55
N GLY A 128 9.77 -24.05 -25.22
CA GLY A 128 10.35 -24.09 -26.55
C GLY A 128 11.85 -23.99 -26.61
N SER A 129 12.53 -24.22 -25.49
CA SER A 129 13.98 -24.11 -25.44
C SER A 129 14.53 -25.27 -24.63
N SER A 130 15.85 -25.43 -24.64
CA SER A 130 16.49 -26.44 -23.81
C SER A 130 16.41 -26.05 -22.34
N HIS A 131 16.10 -27.03 -21.49
CA HIS A 131 16.03 -26.80 -20.05
C HIS A 131 17.39 -26.41 -19.48
N ALA A 132 17.42 -25.33 -18.69
CA ALA A 132 18.64 -24.86 -18.08
C ALA A 132 18.95 -25.56 -16.77
N GLY A 133 17.98 -26.21 -16.15
CA GLY A 133 18.11 -26.73 -14.81
C GLY A 133 17.19 -26.03 -13.84
N SER A 134 17.46 -26.22 -12.55
CA SER A 134 16.59 -25.65 -11.53
C SER A 134 17.41 -25.15 -10.35
N TRP A 135 16.89 -24.12 -9.70
CA TRP A 135 17.44 -23.54 -8.49
C TRP A 135 16.41 -23.66 -7.37
N PRO A 136 16.84 -23.56 -6.11
CA PRO A 136 15.89 -23.63 -4.99
C PRO A 136 14.68 -22.71 -5.19
N TYR A 137 13.49 -23.30 -5.06
CA TYR A 137 12.25 -22.61 -5.33
C TYR A 137 11.89 -21.67 -4.17
N GLY A 138 11.66 -20.40 -4.48
CA GLY A 138 11.51 -19.41 -3.43
C GLY A 138 10.14 -19.33 -2.77
N LEU A 139 9.60 -20.48 -2.36
CA LEU A 139 8.29 -20.55 -1.68
C LEU A 139 8.53 -21.28 -0.37
N PRO A 140 8.95 -20.56 0.67
CA PRO A 140 9.49 -21.22 1.86
C PRO A 140 8.49 -22.08 2.61
N GLU A 141 7.18 -21.84 2.44
CA GLU A 141 6.15 -22.56 3.15
C GLU A 141 5.85 -23.94 2.56
N LEU A 142 6.30 -24.20 1.33
CA LEU A 142 6.08 -25.50 0.71
C LEU A 142 6.96 -26.53 1.42
N PRO A 143 6.48 -27.75 1.61
CA PRO A 143 7.29 -28.74 2.34
C PRO A 143 8.67 -28.92 1.72
N GLY A 144 9.68 -28.88 2.57
CA GLY A 144 11.07 -29.06 2.17
C GLY A 144 11.71 -27.85 1.52
N ALA A 145 10.95 -26.79 1.27
CA ALA A 145 11.51 -25.67 0.51
C ALA A 145 12.40 -24.80 1.36
N ARG A 146 12.00 -24.55 2.60
CA ARG A 146 12.75 -23.63 3.45
C ARG A 146 14.18 -24.12 3.64
N ASP A 147 14.36 -25.43 3.81
CA ASP A 147 15.70 -25.96 4.08
C ASP A 147 16.63 -25.74 2.89
N GLN A 148 16.10 -25.77 1.66
CA GLN A 148 16.93 -25.56 0.48
C GLN A 148 17.31 -24.11 0.30
N LEU A 149 16.59 -23.19 0.94
CA LEU A 149 16.87 -21.76 0.76
C LEU A 149 17.87 -21.24 1.78
N ARG A 150 18.02 -21.90 2.94
CA ARG A 150 18.97 -21.43 3.94
C ARG A 150 20.39 -21.46 3.37
N GLY A 151 21.01 -20.28 3.30
CA GLY A 151 22.37 -20.14 2.78
C GLY A 151 22.53 -20.39 1.31
N THR A 152 21.44 -20.46 0.54
CA THR A 152 21.59 -20.66 -0.89
C THR A 152 22.24 -19.44 -1.54
N ARG A 153 22.88 -19.67 -2.69
CA ARG A 153 23.32 -18.58 -3.54
C ARG A 153 22.49 -18.51 -4.81
N ARG A 154 21.42 -19.28 -4.90
CA ARG A 154 20.54 -19.32 -6.06
C ARG A 154 19.09 -19.43 -5.61
N ILE A 155 18.23 -18.59 -6.16
CA ILE A 155 16.80 -18.64 -5.87
C ILE A 155 16.03 -18.50 -7.17
N ALA A 156 15.11 -19.42 -7.43
CA ALA A 156 14.10 -19.27 -8.49
C ALA A 156 12.81 -18.83 -7.81
N VAL A 157 12.43 -17.57 -8.04
CA VAL A 157 11.20 -17.04 -7.45
C VAL A 157 10.01 -17.73 -8.12
N PRO A 158 9.00 -18.18 -7.37
CA PRO A 158 7.84 -18.82 -7.99
C PRO A 158 7.05 -17.84 -8.87
N GLY A 159 6.32 -18.39 -9.82
CA GLY A 159 5.28 -17.63 -10.48
C GLY A 159 4.19 -17.20 -9.52
N CYS A 160 3.48 -16.12 -9.87
CA CYS A 160 2.49 -15.57 -8.97
C CYS A 160 1.27 -16.48 -8.83
N TYR A 161 0.71 -16.96 -9.95
CA TYR A 161 -0.43 -17.89 -9.84
C TYR A 161 -0.06 -19.18 -9.11
N PRO A 162 1.06 -19.85 -9.40
CA PRO A 162 1.39 -21.06 -8.63
C PRO A 162 1.51 -20.81 -7.14
N THR A 163 2.03 -19.64 -6.74
CA THR A 163 2.10 -19.33 -5.31
C THR A 163 0.71 -19.45 -4.68
N ALA A 164 -0.29 -18.81 -5.28
CA ALA A 164 -1.62 -18.84 -4.70
C ALA A 164 -2.20 -20.25 -4.74
N ALA A 165 -2.08 -20.92 -5.89
CA ALA A 165 -2.69 -22.25 -6.01
C ALA A 165 -2.03 -23.27 -5.09
N LEU A 166 -0.70 -23.22 -4.99
CA LEU A 166 -0.01 -24.21 -4.15
C LEU A 166 -0.33 -24.00 -2.68
N LEU A 167 -0.37 -22.74 -2.22
CA LEU A 167 -0.74 -22.49 -0.83
C LEU A 167 -2.17 -22.92 -0.55
N ALA A 168 -3.05 -22.79 -1.55
CA ALA A 168 -4.44 -23.18 -1.34
C ALA A 168 -4.60 -24.69 -1.28
N LEU A 169 -3.79 -25.43 -2.02
CA LEU A 169 -4.08 -26.83 -2.27
C LEU A 169 -3.14 -27.82 -1.59
N PHE A 170 -1.88 -27.44 -1.32
CA PHE A 170 -0.95 -28.51 -0.99
C PHE A 170 -1.30 -29.21 0.34
N PRO A 171 -1.81 -28.52 1.37
CA PRO A 171 -2.09 -29.25 2.61
C PRO A 171 -3.14 -30.33 2.46
N ALA A 172 -4.21 -30.07 1.69
CA ALA A 172 -5.25 -31.08 1.49
C ALA A 172 -4.69 -32.28 0.72
N LEU A 173 -3.85 -32.02 -0.28
CA LEU A 173 -3.33 -33.10 -1.09
C LEU A 173 -2.27 -33.91 -0.34
N ALA A 174 -1.44 -33.21 0.45
CA ALA A 174 -0.41 -33.88 1.23
C ALA A 174 -1.04 -34.84 2.24
N ALA A 175 -2.20 -34.47 2.78
CA ALA A 175 -2.93 -35.31 3.73
C ALA A 175 -3.74 -36.40 3.03
N ASP A 176 -3.71 -36.42 1.69
CA ASP A 176 -4.47 -37.39 0.88
C ASP A 176 -5.97 -37.31 1.17
N LEU A 177 -6.47 -36.08 1.36
CA LEU A 177 -7.88 -35.87 1.68
C LEU A 177 -8.69 -35.40 0.49
N ILE A 178 -8.04 -35.11 -0.64
CA ILE A 178 -8.73 -34.73 -1.86
C ILE A 178 -8.14 -35.56 -2.99
N GLU A 179 -8.92 -35.70 -4.07
CA GLU A 179 -8.43 -36.36 -5.25
C GLU A 179 -7.38 -35.48 -5.93
N PRO A 180 -6.46 -36.08 -6.69
CA PRO A 180 -5.31 -35.34 -7.23
C PRO A 180 -5.57 -34.64 -8.56
N ALA A 181 -6.81 -34.59 -9.01
CA ALA A 181 -7.21 -33.82 -10.19
C ALA A 181 -7.78 -32.50 -9.67
N VAL A 182 -7.01 -31.43 -9.80
CA VAL A 182 -7.41 -30.15 -9.21
C VAL A 182 -7.81 -29.18 -10.31
N THR A 183 -8.67 -28.24 -9.93
CA THR A 183 -9.13 -27.18 -10.81
C THR A 183 -8.84 -25.84 -10.14
N VAL A 184 -8.21 -24.93 -10.88
CA VAL A 184 -7.85 -23.61 -10.36
C VAL A 184 -8.41 -22.58 -11.33
N VAL A 185 -9.21 -21.65 -10.81
CA VAL A 185 -9.62 -20.47 -11.55
C VAL A 185 -9.19 -19.28 -10.73
N ALA A 186 -8.23 -18.51 -11.24
CA ALA A 186 -7.59 -17.45 -10.46
C ALA A 186 -7.77 -16.13 -11.18
N VAL A 187 -8.29 -15.13 -10.45
CA VAL A 187 -8.38 -13.77 -10.99
C VAL A 187 -7.13 -13.01 -10.59
N SER A 188 -6.67 -12.13 -11.48
CA SER A 188 -5.44 -11.40 -11.22
C SER A 188 -5.60 -9.97 -11.68
N GLY A 189 -5.05 -9.04 -10.90
CA GLY A 189 -4.86 -7.68 -11.39
C GLY A 189 -3.81 -7.65 -12.49
N THR A 190 -3.75 -6.52 -13.21
CA THR A 190 -2.99 -6.55 -14.45
C THR A 190 -1.50 -6.31 -14.28
N SER A 191 -1.03 -5.90 -13.09
CA SER A 191 0.41 -5.73 -12.94
C SER A 191 1.17 -7.03 -13.12
N GLY A 192 0.50 -8.17 -12.99
CA GLY A 192 1.20 -9.43 -13.19
C GLY A 192 1.69 -9.64 -14.61
N ALA A 193 1.12 -8.90 -15.57
CA ALA A 193 1.54 -8.98 -16.96
C ALA A 193 2.84 -8.23 -17.23
N GLY A 194 3.35 -7.51 -16.25
CA GLY A 194 4.54 -6.72 -16.47
C GLY A 194 4.20 -5.42 -17.18
N ARG A 195 5.25 -4.66 -17.45
CA ARG A 195 5.13 -3.28 -17.88
C ARG A 195 5.34 -3.08 -19.37
N ALA A 196 5.47 -4.15 -20.13
CA ALA A 196 5.55 -4.00 -21.58
C ALA A 196 4.21 -3.52 -22.13
N ALA A 197 4.24 -2.45 -22.92
CA ALA A 197 3.02 -1.86 -23.42
C ALA A 197 2.43 -2.71 -24.54
N THR A 198 1.20 -3.18 -24.35
CA THR A 198 0.43 -3.85 -25.40
C THR A 198 -0.99 -3.31 -25.37
N THR A 199 -1.66 -3.44 -26.51
CA THR A 199 -3.04 -2.95 -26.63
C THR A 199 -3.96 -3.63 -25.64
N ASP A 200 -3.77 -4.93 -25.43
CA ASP A 200 -4.70 -5.67 -24.58
C ASP A 200 -4.52 -5.36 -23.10
N LEU A 201 -3.45 -4.66 -22.72
CA LEU A 201 -3.23 -4.29 -21.33
C LEU A 201 -3.43 -2.80 -21.09
N LEU A 202 -3.90 -2.07 -22.09
CA LEU A 202 -4.22 -0.67 -21.92
C LEU A 202 -5.38 -0.48 -20.95
N GLY A 203 -5.33 0.61 -20.18
CA GLY A 203 -6.34 0.87 -19.19
C GLY A 203 -7.76 0.87 -19.75
N ALA A 204 -7.95 1.51 -20.92
CA ALA A 204 -9.30 1.59 -21.48
C ALA A 204 -9.86 0.19 -21.75
N GLU A 205 -9.00 -0.74 -22.14
CA GLU A 205 -9.41 -2.11 -22.42
C GLU A 205 -9.67 -2.89 -21.14
N VAL A 206 -8.80 -2.71 -20.15
CA VAL A 206 -8.84 -3.51 -18.93
C VAL A 206 -9.94 -3.04 -17.99
N ILE A 207 -10.09 -1.73 -17.85
CA ILE A 207 -11.10 -1.19 -16.95
C ILE A 207 -12.48 -1.62 -17.41
N GLY A 208 -13.30 -2.05 -16.46
CA GLY A 208 -14.67 -2.45 -16.74
C GLY A 208 -14.81 -3.77 -17.44
N SER A 209 -13.79 -4.60 -17.46
CA SER A 209 -13.82 -5.83 -18.24
C SER A 209 -13.08 -6.94 -17.51
N ALA A 210 -13.50 -8.16 -17.78
CA ALA A 210 -12.82 -9.35 -17.29
C ALA A 210 -12.70 -10.34 -18.44
N ARG A 211 -11.60 -11.09 -18.47
CA ARG A 211 -11.45 -12.10 -19.51
C ARG A 211 -10.50 -13.19 -19.05
N ALA A 212 -10.87 -14.43 -19.35
CA ALA A 212 -9.95 -15.55 -19.23
C ALA A 212 -8.97 -15.51 -20.39
N TYR A 213 -7.78 -16.07 -20.17
CA TYR A 213 -6.79 -16.10 -21.25
C TYR A 213 -5.91 -17.33 -21.06
N ASN A 214 -5.24 -17.73 -22.14
CA ASN A 214 -4.34 -18.88 -22.12
C ASN A 214 -4.98 -20.07 -21.42
N ILE A 215 -6.16 -20.45 -21.90
CA ILE A 215 -6.98 -21.45 -21.20
C ILE A 215 -6.65 -22.86 -21.63
N ALA A 216 -7.19 -23.83 -20.90
CA ALA A 216 -7.21 -25.26 -21.27
C ALA A 216 -5.79 -25.83 -21.39
N GLY A 217 -4.91 -25.40 -20.49
CA GLY A 217 -3.62 -26.03 -20.34
C GLY A 217 -2.49 -25.36 -21.07
N VAL A 218 -2.76 -24.26 -21.80
CA VAL A 218 -1.66 -23.63 -22.51
C VAL A 218 -0.88 -22.66 -21.64
N HIS A 219 -1.42 -22.23 -20.49
CA HIS A 219 -0.67 -21.31 -19.64
C HIS A 219 0.52 -22.00 -19.00
N ARG A 220 1.69 -21.35 -19.07
CA ARG A 220 2.92 -21.97 -18.59
C ARG A 220 2.97 -22.16 -17.09
N HIS A 221 2.06 -21.55 -16.33
CA HIS A 221 2.02 -21.85 -14.91
C HIS A 221 1.32 -23.16 -14.60
N THR A 222 0.62 -23.75 -15.57
CA THR A 222 -0.01 -25.06 -15.32
C THR A 222 1.01 -26.09 -14.88
N PRO A 223 2.12 -26.34 -15.60
CA PRO A 223 3.07 -27.37 -15.12
C PRO A 223 3.77 -26.95 -13.84
N GLU A 224 3.85 -25.65 -13.57
CA GLU A 224 4.47 -25.24 -12.33
C GLU A 224 3.59 -25.60 -11.14
N ILE A 225 2.27 -25.44 -11.28
CA ILE A 225 1.36 -25.89 -10.22
C ILE A 225 1.46 -27.40 -10.07
N ALA A 226 1.47 -28.12 -11.19
CA ALA A 226 1.51 -29.58 -11.11
C ALA A 226 2.79 -30.05 -10.41
N GLN A 227 3.92 -29.39 -10.72
CA GLN A 227 5.20 -29.78 -10.13
C GLN A 227 5.19 -29.59 -8.61
N GLY A 228 4.68 -28.44 -8.14
CA GLY A 228 4.61 -28.23 -6.70
C GLY A 228 3.72 -29.24 -6.01
N LEU A 229 2.62 -29.63 -6.65
CA LEU A 229 1.71 -30.59 -6.03
C LEU A 229 2.29 -32.00 -6.05
N ARG A 230 2.99 -32.35 -7.14
CA ARG A 230 3.58 -33.68 -7.21
C ARG A 230 4.63 -33.90 -6.13
N ALA A 231 5.15 -32.83 -5.54
CA ALA A 231 6.12 -32.98 -4.46
C ALA A 231 5.49 -33.36 -3.14
N VAL A 232 4.17 -33.27 -2.98
CA VAL A 232 3.54 -33.65 -1.72
C VAL A 232 2.67 -34.90 -1.86
N THR A 233 2.65 -35.55 -3.03
CA THR A 233 1.91 -36.78 -3.20
C THR A 233 2.59 -37.66 -4.24
N ASP A 234 2.39 -38.97 -4.13
CA ASP A 234 2.82 -39.88 -5.19
C ASP A 234 1.71 -40.27 -6.14
N ARG A 235 0.51 -39.71 -5.97
CA ARG A 235 -0.56 -39.94 -6.91
C ARG A 235 -0.35 -39.12 -8.17
N ASP A 236 -1.00 -39.54 -9.25
CA ASP A 236 -0.89 -38.82 -10.51
C ASP A 236 -1.70 -37.53 -10.41
N VAL A 237 -1.04 -36.40 -10.55
CA VAL A 237 -1.66 -35.09 -10.41
C VAL A 237 -2.03 -34.56 -11.79
N SER A 238 -3.22 -33.97 -11.90
CA SER A 238 -3.59 -33.21 -13.09
C SER A 238 -4.10 -31.84 -12.64
N VAL A 239 -3.92 -30.84 -13.50
CA VAL A 239 -4.22 -29.45 -13.15
C VAL A 239 -4.98 -28.80 -14.30
N SER A 240 -6.21 -28.37 -14.02
CA SER A 240 -6.96 -27.47 -14.91
C SER A 240 -6.80 -26.07 -14.36
N PHE A 241 -6.10 -25.20 -15.09
CA PHE A 241 -5.77 -23.88 -14.59
C PHE A 241 -6.29 -22.83 -15.56
N THR A 242 -7.16 -21.95 -15.07
CA THR A 242 -7.70 -20.84 -15.87
C THR A 242 -7.38 -19.52 -15.19
N PRO A 243 -6.54 -18.66 -15.78
CA PRO A 243 -6.36 -17.30 -15.26
C PRO A 243 -7.34 -16.33 -15.88
N VAL A 244 -7.76 -15.34 -15.08
CA VAL A 244 -8.77 -14.36 -15.49
C VAL A 244 -8.25 -12.98 -15.12
N LEU A 245 -8.10 -12.10 -16.11
CA LEU A 245 -7.68 -10.73 -15.85
C LEU A 245 -8.88 -9.88 -15.42
N ILE A 246 -8.70 -9.11 -14.35
CA ILE A 246 -9.77 -8.26 -13.82
C ILE A 246 -9.26 -6.85 -13.67
N PRO A 247 -10.16 -5.85 -13.53
CA PRO A 247 -9.73 -4.43 -13.51
C PRO A 247 -9.24 -3.97 -12.15
N ALA A 248 -8.12 -4.54 -11.75
CA ALA A 248 -7.40 -4.14 -10.55
C ALA A 248 -5.93 -4.07 -10.94
N SER A 249 -5.16 -3.28 -10.19
CA SER A 249 -3.73 -3.26 -10.49
C SER A 249 -3.02 -4.45 -9.85
N ARG A 250 -3.40 -4.83 -8.64
CA ARG A 250 -2.74 -5.91 -7.90
C ARG A 250 -3.76 -6.90 -7.39
N GLY A 251 -3.28 -8.11 -7.11
CA GLY A 251 -4.06 -9.07 -6.35
C GLY A 251 -4.34 -10.34 -7.14
N ILE A 252 -4.22 -11.49 -6.50
CA ILE A 252 -4.68 -12.75 -7.07
C ILE A 252 -5.64 -13.38 -6.08
N LEU A 253 -6.83 -13.76 -6.57
CA LEU A 253 -7.75 -14.55 -5.78
C LEU A 253 -7.90 -15.88 -6.50
N ALA A 254 -7.35 -16.94 -5.91
CA ALA A 254 -7.39 -18.24 -6.55
C ALA A 254 -8.52 -19.07 -5.93
N THR A 255 -9.45 -19.52 -6.77
CA THR A 255 -10.46 -20.48 -6.36
C THR A 255 -10.00 -21.85 -6.82
N CYS A 256 -9.78 -22.76 -5.87
CA CYS A 256 -9.17 -24.05 -6.14
C CYS A 256 -10.11 -25.15 -5.65
N THR A 257 -10.37 -26.14 -6.52
CA THR A 257 -11.31 -27.19 -6.19
C THR A 257 -10.74 -28.55 -6.53
N ALA A 258 -11.30 -29.56 -5.88
CA ALA A 258 -10.95 -30.95 -6.12
C ALA A 258 -12.04 -31.79 -5.48
N ARG A 259 -12.24 -33.01 -6.00
CA ARG A 259 -13.24 -33.87 -5.41
C ARG A 259 -12.79 -34.33 -4.02
N THR A 260 -13.74 -34.41 -3.09
CA THR A 260 -13.42 -34.94 -1.78
C THR A 260 -14.63 -35.63 -1.19
N ARG A 261 -14.36 -36.63 -0.34
CA ARG A 261 -15.40 -37.16 0.53
C ARG A 261 -14.95 -37.12 1.99
N SER A 262 -13.94 -36.28 2.30
CA SER A 262 -13.43 -36.15 3.66
C SER A 262 -14.22 -35.10 4.43
N PRO A 263 -14.40 -35.32 5.73
CA PRO A 263 -15.04 -34.29 6.57
C PRO A 263 -14.24 -32.99 6.54
N LEU A 264 -14.98 -31.87 6.48
CA LEU A 264 -14.35 -30.55 6.54
C LEU A 264 -13.37 -30.44 7.71
N SER A 265 -13.72 -31.00 8.87
CA SER A 265 -12.86 -30.84 10.04
C SER A 265 -11.49 -31.45 9.80
N GLN A 266 -11.42 -32.58 9.07
CA GLN A 266 -10.12 -33.17 8.79
C GLN A 266 -9.33 -32.32 7.80
N LEU A 267 -10.02 -31.74 6.82
CA LEU A 267 -9.33 -30.82 5.92
C LEU A 267 -8.81 -29.60 6.69
N ARG A 268 -9.63 -29.03 7.57
CA ARG A 268 -9.15 -27.89 8.36
C ARG A 268 -7.93 -28.28 9.20
N ALA A 269 -7.93 -29.50 9.75
CA ALA A 269 -6.78 -29.93 10.54
C ALA A 269 -5.50 -29.99 9.70
N ALA A 270 -5.62 -30.35 8.42
CA ALA A 270 -4.45 -30.38 7.55
C ALA A 270 -3.89 -28.98 7.34
N TYR A 271 -4.77 -27.97 7.21
CA TYR A 271 -4.31 -26.60 7.00
C TYR A 271 -3.72 -26.04 8.29
N GLU A 272 -4.30 -26.42 9.42
CA GLU A 272 -3.71 -26.06 10.72
C GLU A 272 -2.30 -26.61 10.85
N LYS A 273 -2.11 -27.89 10.52
CA LYS A 273 -0.80 -28.51 10.67
C LYS A 273 0.22 -27.83 9.75
N ALA A 274 -0.20 -27.45 8.55
CA ALA A 274 0.74 -26.84 7.62
C ALA A 274 1.10 -25.43 8.03
N TYR A 275 0.15 -24.66 8.53
CA TYR A 275 0.30 -23.21 8.56
C TYR A 275 0.28 -22.59 9.95
N HIS A 276 0.04 -23.37 11.01
CA HIS A 276 -0.10 -22.77 12.32
C HIS A 276 1.12 -21.95 12.73
N ALA A 277 2.31 -22.33 12.28
CA ALA A 277 3.55 -21.62 12.63
C ALA A 277 4.13 -20.84 11.46
N GLU A 278 3.33 -20.59 10.42
CA GLU A 278 3.82 -19.86 9.26
C GLU A 278 3.34 -18.41 9.32
N PRO A 279 4.22 -17.45 9.56
CA PRO A 279 3.74 -16.08 9.85
C PRO A 279 3.09 -15.40 8.67
N PHE A 280 3.36 -15.82 7.43
CA PHE A 280 2.73 -15.14 6.31
C PHE A 280 1.44 -15.78 5.86
N ILE A 281 1.05 -16.92 6.43
CA ILE A 281 -0.16 -17.62 6.01
C ILE A 281 -1.21 -17.42 7.09
N TYR A 282 -2.33 -16.80 6.71
CA TYR A 282 -3.41 -16.52 7.64
C TYR A 282 -4.61 -17.36 7.26
N LEU A 283 -5.01 -18.27 8.15
CA LEU A 283 -6.21 -19.07 7.94
C LEU A 283 -7.40 -18.29 8.48
N MET A 284 -8.39 -18.07 7.63
CA MET A 284 -9.50 -17.19 7.99
C MET A 284 -10.25 -17.76 9.19
N PRO A 285 -10.67 -16.93 10.14
CA PRO A 285 -11.65 -17.38 11.14
C PRO A 285 -12.89 -17.97 10.48
N GLU A 286 -13.54 -18.89 11.19
CA GLU A 286 -14.76 -19.53 10.68
C GLU A 286 -15.76 -18.48 10.25
N GLY A 287 -16.33 -18.66 9.06
CA GLY A 287 -17.29 -17.71 8.54
C GLY A 287 -16.70 -16.50 7.85
N GLN A 288 -15.38 -16.41 7.71
CA GLN A 288 -14.75 -15.33 6.95
C GLN A 288 -14.10 -15.92 5.71
N LEU A 289 -14.00 -15.08 4.67
CA LEU A 289 -13.40 -15.48 3.41
C LEU A 289 -12.37 -14.45 2.98
N PRO A 290 -11.34 -14.87 2.25
CA PRO A 290 -10.28 -13.93 1.85
C PRO A 290 -10.77 -12.88 0.87
N ARG A 291 -10.10 -11.74 0.87
CA ARG A 291 -10.29 -10.73 -0.17
C ARG A 291 -8.91 -10.14 -0.51
N THR A 292 -8.67 -9.92 -1.81
CA THR A 292 -7.35 -9.42 -2.18
C THR A 292 -7.08 -8.05 -1.60
N GLY A 293 -8.14 -7.25 -1.41
CA GLY A 293 -7.95 -5.94 -0.82
C GLY A 293 -7.25 -6.00 0.51
N ALA A 294 -7.45 -7.08 1.26
CA ALA A 294 -6.90 -7.15 2.61
C ALA A 294 -5.42 -7.48 2.65
N VAL A 295 -4.85 -7.98 1.55
CA VAL A 295 -3.45 -8.37 1.51
C VAL A 295 -2.59 -7.47 0.65
N ILE A 296 -3.18 -6.48 -0.04
CA ILE A 296 -2.39 -5.61 -0.90
C ILE A 296 -1.30 -4.90 -0.11
N GLY A 297 -0.08 -4.93 -0.64
CA GLY A 297 1.05 -4.31 0.02
C GLY A 297 1.67 -5.14 1.09
N SER A 298 1.08 -6.28 1.44
CA SER A 298 1.60 -7.18 2.45
C SER A 298 2.17 -8.42 1.76
N ASN A 299 2.99 -9.17 2.51
CA ASN A 299 3.50 -10.45 2.06
C ASN A 299 2.63 -11.62 2.50
N ALA A 300 1.38 -11.35 2.90
CA ALA A 300 0.51 -12.38 3.46
C ALA A 300 -0.26 -13.11 2.38
N ALA A 301 -0.63 -14.34 2.69
CA ALA A 301 -1.68 -15.07 1.97
C ALA A 301 -2.81 -15.32 2.96
N HIS A 302 -4.03 -15.00 2.57
CA HIS A 302 -5.21 -15.29 3.36
C HIS A 302 -5.94 -16.45 2.71
N ILE A 303 -6.25 -17.48 3.48
CA ILE A 303 -6.74 -18.75 2.97
C ILE A 303 -7.99 -19.16 3.74
N ALA A 304 -9.02 -19.61 3.02
CA ALA A 304 -10.16 -20.27 3.64
C ALA A 304 -10.44 -21.57 2.90
N VAL A 305 -10.99 -22.54 3.62
CA VAL A 305 -11.35 -23.81 2.99
C VAL A 305 -12.78 -24.19 3.37
N ALA A 306 -13.40 -25.00 2.52
CA ALA A 306 -14.77 -25.42 2.74
C ALA A 306 -15.02 -26.71 1.98
N VAL A 307 -16.13 -27.37 2.29
CA VAL A 307 -16.56 -28.55 1.54
C VAL A 307 -17.97 -28.32 1.04
N ASP A 308 -18.16 -28.52 -0.26
CA ASP A 308 -19.47 -28.55 -0.90
C ASP A 308 -19.95 -29.99 -0.88
N GLU A 309 -20.77 -30.35 0.12
CA GLU A 309 -21.12 -31.75 0.30
C GLU A 309 -21.97 -32.28 -0.85
N ASP A 310 -22.91 -31.47 -1.33
CA ASP A 310 -23.75 -31.92 -2.45
C ASP A 310 -22.91 -32.21 -3.69
N ALA A 311 -21.90 -31.39 -3.95
CA ALA A 311 -21.05 -31.58 -5.11
C ALA A 311 -19.83 -32.45 -4.80
N GLN A 312 -19.71 -32.95 -3.57
CA GLN A 312 -18.54 -33.70 -3.13
C GLN A 312 -17.25 -33.03 -3.60
N THR A 313 -17.15 -31.73 -3.31
CA THR A 313 -16.05 -30.90 -3.81
C THR A 313 -15.43 -30.09 -2.68
N PHE A 314 -14.11 -30.17 -2.56
CA PHE A 314 -13.34 -29.29 -1.70
C PHE A 314 -13.15 -27.94 -2.39
N VAL A 315 -13.29 -26.85 -1.65
CA VAL A 315 -13.04 -25.52 -2.17
C VAL A 315 -12.01 -24.85 -1.28
N ALA A 316 -10.90 -24.38 -1.87
CA ALA A 316 -9.93 -23.57 -1.16
C ALA A 316 -9.79 -22.23 -1.86
N ILE A 317 -9.87 -21.14 -1.10
CA ILE A 317 -9.72 -19.78 -1.62
C ILE A 317 -8.45 -19.19 -1.06
N ALA A 318 -7.59 -18.66 -1.92
CA ALA A 318 -6.37 -17.99 -1.44
C ALA A 318 -6.25 -16.62 -2.07
N ALA A 319 -5.96 -15.61 -1.24
CA ALA A 319 -5.70 -14.26 -1.72
C ALA A 319 -4.26 -13.87 -1.40
N ILE A 320 -3.55 -13.35 -2.41
CA ILE A 320 -2.24 -12.75 -2.21
C ILE A 320 -2.15 -11.46 -3.00
N ASP A 321 -1.16 -10.64 -2.66
CA ASP A 321 -0.71 -9.57 -3.54
C ASP A 321 0.25 -10.20 -4.55
N ASN A 322 -0.10 -10.16 -5.83
CA ASN A 322 0.73 -10.80 -6.86
C ASN A 322 2.13 -10.20 -6.91
N LEU A 323 2.29 -8.92 -6.57
CA LEU A 323 3.61 -8.31 -6.62
C LEU A 323 4.40 -8.52 -5.34
N VAL A 324 3.75 -8.87 -4.23
CA VAL A 324 4.49 -9.12 -3.00
C VAL A 324 4.66 -10.62 -2.80
N LYS A 325 3.71 -11.31 -2.15
CA LYS A 325 3.94 -12.73 -1.90
C LYS A 325 4.06 -13.50 -3.23
N GLY A 326 3.44 -13.01 -4.30
CA GLY A 326 3.57 -13.67 -5.58
C GLY A 326 4.81 -13.36 -6.41
N THR A 327 5.63 -12.38 -5.98
CA THR A 327 6.83 -11.98 -6.74
C THR A 327 7.91 -11.41 -5.83
N ALA A 328 7.88 -10.09 -5.57
CA ALA A 328 9.01 -9.42 -4.93
C ALA A 328 9.13 -9.77 -3.45
N GLY A 329 7.99 -9.96 -2.77
CA GLY A 329 8.05 -10.38 -1.37
C GLY A 329 8.60 -11.79 -1.24
N ALA A 330 8.21 -12.69 -2.14
CA ALA A 330 8.82 -14.01 -2.18
C ALA A 330 10.33 -13.89 -2.38
N ALA A 331 10.76 -12.99 -3.26
CA ALA A 331 12.18 -12.83 -3.51
C ALA A 331 12.92 -12.34 -2.27
N VAL A 332 12.34 -11.36 -1.57
CA VAL A 332 12.99 -10.81 -0.38
C VAL A 332 12.95 -11.80 0.78
N GLN A 333 11.82 -12.51 0.92
CA GLN A 333 11.71 -13.56 1.94
C GLN A 333 12.78 -14.62 1.76
N SER A 334 12.99 -15.04 0.51
CA SER A 334 13.99 -16.05 0.22
C SER A 334 15.39 -15.48 0.37
N MET A 335 15.57 -14.20 0.02
CA MET A 335 16.85 -13.53 0.23
C MET A 335 17.23 -13.53 1.71
N ASN A 336 16.26 -13.23 2.59
CA ASN A 336 16.52 -13.28 4.03
C ASN A 336 17.06 -14.65 4.43
N LEU A 337 16.39 -15.72 3.97
CA LEU A 337 16.85 -17.07 4.25
C LEU A 337 18.24 -17.32 3.69
N ALA A 338 18.49 -16.83 2.47
CA ALA A 338 19.80 -17.04 1.84
C ALA A 338 20.90 -16.39 2.66
N LEU A 339 20.64 -15.21 3.23
CA LEU A 339 21.64 -14.45 3.95
C LEU A 339 21.70 -14.78 5.43
N GLY A 340 20.82 -15.66 5.92
CA GLY A 340 20.77 -15.99 7.33
C GLY A 340 20.13 -14.94 8.19
N TRP A 341 19.29 -14.09 7.61
CA TRP A 341 18.57 -13.03 8.31
C TRP A 341 17.19 -13.50 8.71
N PRO A 342 16.59 -12.90 9.74
CA PRO A 342 15.21 -13.26 10.11
C PRO A 342 14.31 -13.23 8.89
N GLU A 343 13.55 -14.32 8.72
CA GLU A 343 12.83 -14.54 7.46
C GLU A 343 11.79 -13.47 7.22
N THR A 344 11.20 -12.92 8.28
CA THR A 344 10.15 -11.93 8.13
C THR A 344 10.68 -10.50 7.98
N ASP A 345 12.00 -10.31 7.98
CA ASP A 345 12.53 -8.95 7.94
C ASP A 345 12.08 -8.20 6.68
N GLY A 346 11.51 -7.01 6.89
CA GLY A 346 11.08 -6.16 5.79
C GLY A 346 9.75 -6.54 5.17
N LEU A 347 9.05 -7.51 5.72
CA LEU A 347 7.88 -8.09 5.07
C LEU A 347 6.70 -8.05 6.03
N SER A 348 5.77 -7.13 5.82
CA SER A 348 4.63 -6.97 6.70
C SER A 348 3.53 -7.96 6.35
N VAL A 349 2.76 -8.36 7.36
CA VAL A 349 1.55 -9.14 7.12
C VAL A 349 0.31 -8.27 7.03
N VAL A 350 0.45 -6.96 7.18
CA VAL A 350 -0.68 -6.04 7.24
C VAL A 350 -0.91 -5.44 5.87
N GLY A 351 -2.13 -5.56 5.36
CA GLY A 351 -2.43 -4.98 4.08
C GLY A 351 -2.74 -3.49 4.16
N VAL A 352 -2.67 -2.84 3.00
CA VAL A 352 -2.98 -1.41 2.87
C VAL A 352 -4.38 -1.35 2.28
N ALA A 353 -5.37 -1.22 3.15
CA ALA A 353 -6.76 -1.24 2.75
C ALA A 353 -7.51 -0.10 3.44
N PRO A 354 -8.59 0.41 2.84
CA PRO A 354 -9.16 0.03 1.55
C PRO A 354 -8.36 0.61 0.39
N ALA B 11 5.64 3.83 29.13
CA ALA B 11 5.06 3.55 27.80
C ALA B 11 3.80 4.37 27.54
N THR B 12 3.51 4.63 26.28
CA THR B 12 2.33 5.43 25.87
C THR B 12 1.25 4.45 25.44
N LYS B 13 0.20 4.39 26.24
CA LYS B 13 -0.99 3.54 25.99
C LYS B 13 -1.94 4.34 25.11
N VAL B 14 -2.26 3.79 23.93
CA VAL B 14 -3.08 4.57 22.96
C VAL B 14 -4.46 3.95 22.78
N ALA B 15 -5.51 4.75 22.79
CA ALA B 15 -6.86 4.27 22.46
C ALA B 15 -7.22 4.83 21.08
N VAL B 16 -8.06 4.10 20.37
CA VAL B 16 -8.59 4.60 19.07
C VAL B 16 -10.10 4.48 19.13
N ALA B 17 -10.78 5.61 19.23
CA ALA B 17 -12.23 5.66 19.13
C ALA B 17 -12.62 5.77 17.66
N GLY B 18 -13.65 5.04 17.27
CA GLY B 18 -13.95 4.93 15.86
C GLY B 18 -13.05 3.94 15.16
N ALA B 19 -12.61 2.90 15.87
CA ALA B 19 -11.61 1.98 15.34
C ALA B 19 -12.13 1.20 14.13
N SER B 20 -13.44 1.04 13.98
CA SER B 20 -13.96 0.20 12.90
C SER B 20 -14.13 0.95 11.59
N GLY B 21 -13.93 2.28 11.58
CA GLY B 21 -13.98 3.05 10.35
C GLY B 21 -12.66 3.08 9.60
N TYR B 22 -12.66 3.74 8.45
CA TYR B 22 -11.49 3.69 7.58
C TYR B 22 -10.31 4.44 8.20
N ALA B 23 -10.55 5.64 8.74
CA ALA B 23 -9.49 6.39 9.38
C ALA B 23 -8.93 5.62 10.58
N GLY B 24 -9.82 5.04 11.39
CA GLY B 24 -9.38 4.25 12.53
C GLY B 24 -8.54 3.06 12.12
N GLY B 25 -8.94 2.35 11.06
CA GLY B 25 -8.15 1.24 10.58
C GLY B 25 -6.79 1.67 10.07
N GLU B 26 -6.71 2.86 9.45
CA GLU B 26 -5.44 3.34 8.93
C GLU B 26 -4.53 3.83 10.03
N ILE B 27 -5.10 4.46 11.08
CA ILE B 27 -4.29 4.76 12.25
C ILE B 27 -3.68 3.49 12.80
N LEU B 28 -4.51 2.44 12.93
CA LEU B 28 -4.01 1.20 13.51
C LEU B 28 -2.96 0.56 12.62
N ARG B 29 -3.13 0.63 11.28
CA ARG B 29 -2.07 0.11 10.40
C ARG B 29 -0.75 0.82 10.67
N LEU B 30 -0.78 2.15 10.79
CA LEU B 30 0.43 2.91 11.01
C LEU B 30 1.03 2.62 12.39
N LEU B 31 0.18 2.48 13.42
CA LEU B 31 0.72 2.17 14.74
C LEU B 31 1.38 0.80 14.75
N LEU B 32 0.77 -0.18 14.07
CA LEU B 32 1.37 -1.51 14.04
C LEU B 32 2.76 -1.49 13.42
N GLY B 33 3.02 -0.56 12.51
CA GLY B 33 4.32 -0.47 11.89
C GLY B 33 5.25 0.55 12.50
N HIS B 34 4.82 1.22 13.58
CA HIS B 34 5.55 2.30 14.21
C HIS B 34 6.68 1.74 15.05
N PRO B 35 7.88 2.34 15.01
CA PRO B 35 8.99 1.78 15.80
C PRO B 35 8.73 1.75 17.29
N ALA B 36 7.87 2.65 17.79
CA ALA B 36 7.54 2.64 19.21
C ALA B 36 6.67 1.45 19.58
N TYR B 37 5.87 0.95 18.63
CA TYR B 37 5.15 -0.28 18.88
C TYR B 37 6.11 -1.47 18.93
N ALA B 38 7.13 -1.46 18.07
CA ALA B 38 8.06 -2.59 17.98
C ALA B 38 8.93 -2.72 19.22
N ASP B 39 9.35 -1.61 19.82
CA ASP B 39 10.20 -1.69 21.00
C ASP B 39 9.44 -1.51 22.30
N GLY B 40 8.10 -1.51 22.26
CA GLY B 40 7.28 -1.51 23.44
C GLY B 40 6.98 -0.15 24.04
N ARG B 41 7.49 0.94 23.47
CA ARG B 41 7.22 2.27 23.99
C ARG B 41 5.80 2.73 23.71
N LEU B 42 5.13 2.13 22.74
CA LEU B 42 3.73 2.42 22.43
C LEU B 42 2.94 1.12 22.50
N ARG B 43 1.82 1.16 23.23
CA ARG B 43 0.91 0.04 23.36
C ARG B 43 -0.43 0.41 22.76
N ILE B 44 -1.05 -0.54 22.06
CA ILE B 44 -2.39 -0.33 21.51
C ILE B 44 -3.39 -0.84 22.53
N GLY B 45 -4.15 0.08 23.11
CA GLY B 45 -5.14 -0.25 24.11
C GLY B 45 -6.54 -0.38 23.54
N ALA B 46 -7.49 0.35 24.12
CA ALA B 46 -8.90 0.15 23.80
C ALA B 46 -9.21 0.58 22.38
N LEU B 47 -9.99 -0.26 21.69
CA LEU B 47 -10.50 0.04 20.36
C LEU B 47 -12.02 0.13 20.45
N THR B 48 -12.58 1.31 20.14
CA THR B 48 -13.99 1.53 20.41
C THR B 48 -14.75 1.93 19.16
N ALA B 49 -16.07 1.74 19.22
CA ALA B 49 -16.97 2.14 18.14
C ALA B 49 -18.35 2.40 18.72
N ALA B 50 -19.16 3.14 17.97
CA ALA B 50 -20.51 3.47 18.42
C ALA B 50 -21.50 2.36 18.16
N THR B 51 -21.13 1.39 17.33
CA THR B 51 -21.96 0.23 17.04
C THR B 51 -21.08 -1.01 17.05
N SER B 52 -21.72 -2.17 17.12
CA SER B 52 -21.03 -3.46 17.01
C SER B 52 -20.02 -3.69 18.13
N ALA B 53 -20.23 -3.06 19.28
CA ALA B 53 -19.43 -3.42 20.45
C ALA B 53 -19.62 -4.90 20.75
N GLY B 54 -18.54 -5.58 21.08
CA GLY B 54 -18.55 -7.02 21.26
C GLY B 54 -18.06 -7.80 20.06
N SER B 55 -18.12 -7.22 18.86
CA SER B 55 -17.52 -7.84 17.70
C SER B 55 -15.99 -7.80 17.82
N THR B 56 -15.32 -8.55 16.95
CA THR B 56 -13.87 -8.50 16.90
C THR B 56 -13.41 -7.60 15.76
N LEU B 57 -12.20 -7.07 15.91
CA LEU B 57 -11.71 -6.14 14.90
C LEU B 57 -11.59 -6.82 13.53
N GLY B 58 -11.28 -8.12 13.51
CA GLY B 58 -11.16 -8.83 12.25
C GLY B 58 -12.40 -8.79 11.40
N GLU B 59 -13.58 -8.65 12.04
CA GLU B 59 -14.83 -8.53 11.30
C GLU B 59 -15.00 -7.18 10.64
N HIS B 60 -14.16 -6.20 10.97
CA HIS B 60 -14.23 -4.88 10.38
C HIS B 60 -13.04 -4.56 9.50
N HIS B 61 -11.85 -5.05 9.88
CA HIS B 61 -10.60 -4.71 9.22
C HIS B 61 -9.82 -6.00 8.99
N PRO B 62 -10.20 -6.79 7.99
CA PRO B 62 -9.47 -8.04 7.74
C PRO B 62 -8.02 -7.83 7.37
N HIS B 63 -7.61 -6.62 7.01
CA HIS B 63 -6.19 -6.38 6.71
C HIS B 63 -5.34 -6.27 7.96
N LEU B 64 -5.94 -6.10 9.13
CA LEU B 64 -5.21 -5.88 10.38
C LEU B 64 -5.12 -7.18 11.18
N THR B 65 -4.58 -8.23 10.57
CA THR B 65 -4.63 -9.53 11.21
C THR B 65 -3.93 -9.59 12.57
N PRO B 66 -2.86 -8.83 12.85
CA PRO B 66 -2.29 -8.88 14.21
C PRO B 66 -3.25 -8.44 15.29
N LEU B 67 -4.31 -7.71 14.95
CA LEU B 67 -5.31 -7.24 15.91
C LEU B 67 -6.66 -7.91 15.72
N ALA B 68 -6.72 -8.97 14.91
CA ALA B 68 -8.02 -9.52 14.50
C ALA B 68 -8.87 -9.95 15.70
N HIS B 69 -8.26 -10.42 16.78
CA HIS B 69 -8.99 -10.90 17.94
C HIS B 69 -9.39 -9.81 18.92
N ARG B 70 -8.96 -8.57 18.74
CA ARG B 70 -9.34 -7.52 19.67
C ARG B 70 -10.86 -7.33 19.64
N VAL B 71 -11.44 -7.16 20.83
CA VAL B 71 -12.88 -6.97 20.96
C VAL B 71 -13.19 -5.48 20.96
N VAL B 72 -14.08 -5.06 20.07
CA VAL B 72 -14.48 -3.66 19.99
C VAL B 72 -15.32 -3.32 21.21
N GLU B 73 -14.98 -2.23 21.89
CA GLU B 73 -15.67 -1.76 23.08
C GLU B 73 -16.52 -0.53 22.76
N PRO B 74 -17.49 -0.19 23.60
CA PRO B 74 -18.30 1.00 23.32
C PRO B 74 -17.47 2.27 23.47
N THR B 75 -17.76 3.25 22.61
CA THR B 75 -17.10 4.55 22.69
C THR B 75 -17.69 5.32 23.86
N GLU B 76 -16.95 5.36 24.98
CA GLU B 76 -17.36 6.05 26.18
C GLU B 76 -16.14 6.65 26.84
N ALA B 77 -16.33 7.80 27.50
CA ALA B 77 -15.21 8.45 28.17
C ALA B 77 -14.53 7.53 29.17
N ALA B 78 -15.30 6.66 29.83
CA ALA B 78 -14.74 5.73 30.81
C ALA B 78 -13.77 4.76 30.14
N VAL B 79 -14.16 4.20 29.00
CA VAL B 79 -13.29 3.25 28.30
C VAL B 79 -12.02 3.94 27.83
N LEU B 80 -12.13 5.21 27.40
CA LEU B 80 -11.02 5.96 26.85
C LEU B 80 -10.11 6.56 27.91
N GLY B 81 -10.61 6.76 29.13
CA GLY B 81 -9.73 7.14 30.22
C GLY B 81 -8.70 6.07 30.49
N GLY B 82 -7.66 6.45 31.23
CA GLY B 82 -6.60 5.49 31.49
C GLY B 82 -5.71 5.23 30.31
N HIS B 83 -5.81 6.03 29.24
CA HIS B 83 -4.89 5.98 28.13
C HIS B 83 -4.12 7.30 28.07
N ASP B 84 -2.87 7.22 27.64
CA ASP B 84 -2.04 8.41 27.55
C ASP B 84 -2.33 9.21 26.29
N ALA B 85 -2.81 8.55 25.24
CA ALA B 85 -3.19 9.21 24.00
C ALA B 85 -4.46 8.57 23.49
N VAL B 86 -5.35 9.41 22.94
CA VAL B 86 -6.63 8.97 22.39
C VAL B 86 -6.78 9.55 21.00
N PHE B 87 -6.89 8.70 19.99
CA PHE B 87 -7.25 9.13 18.64
C PHE B 87 -8.77 9.09 18.54
N LEU B 88 -9.38 10.21 18.17
CA LEU B 88 -10.81 10.24 17.88
C LEU B 88 -10.91 10.12 16.36
N ALA B 89 -11.05 8.87 15.89
CA ALA B 89 -10.94 8.56 14.47
C ALA B 89 -12.31 8.60 13.81
N LEU B 90 -12.93 9.77 13.90
CA LEU B 90 -14.23 10.02 13.32
C LEU B 90 -14.10 11.28 12.47
N PRO B 91 -13.56 11.15 11.24
CA PRO B 91 -13.37 12.35 10.41
C PRO B 91 -14.66 13.11 10.16
N HIS B 92 -15.80 12.44 10.21
CA HIS B 92 -17.09 13.09 9.99
C HIS B 92 -17.93 13.15 11.25
N GLY B 93 -17.34 12.84 12.40
CA GLY B 93 -18.04 12.95 13.66
C GLY B 93 -17.76 14.26 14.36
N HIS B 94 -18.47 14.46 15.47
CA HIS B 94 -18.35 15.69 16.25
C HIS B 94 -17.92 15.31 17.66
N SER B 95 -16.65 15.54 17.93
CA SER B 95 -15.94 15.04 19.09
C SER B 95 -16.00 15.96 20.29
N ALA B 96 -16.62 17.13 20.16
CA ALA B 96 -16.54 18.14 21.21
C ALA B 96 -17.05 17.60 22.55
N VAL B 97 -18.21 16.94 22.56
CA VAL B 97 -18.80 16.51 23.83
C VAL B 97 -17.94 15.44 24.49
N LEU B 98 -17.43 14.49 23.70
CA LEU B 98 -16.58 13.46 24.26
C LEU B 98 -15.23 14.02 24.72
N ALA B 99 -14.65 14.93 23.92
CA ALA B 99 -13.34 15.48 24.27
C ALA B 99 -13.41 16.25 25.58
N GLN B 100 -14.53 16.92 25.85
CA GLN B 100 -14.66 17.70 27.08
C GLN B 100 -14.66 16.83 28.33
N GLN B 101 -14.88 15.52 28.18
CA GLN B 101 -14.87 14.60 29.30
C GLN B 101 -13.49 14.02 29.58
N LEU B 102 -12.50 14.30 28.75
CA LEU B 102 -11.16 13.75 28.88
C LEU B 102 -10.21 14.81 29.45
N SER B 103 -9.19 14.32 30.14
CA SER B 103 -8.25 15.18 30.86
C SER B 103 -7.47 16.08 29.90
N PRO B 104 -7.16 17.32 30.32
CA PRO B 104 -6.25 18.14 29.51
C PRO B 104 -4.88 17.51 29.30
N GLU B 105 -4.47 16.60 30.17
CA GLU B 105 -3.14 16.01 30.05
C GLU B 105 -3.13 14.77 29.15
N THR B 106 -4.29 14.21 28.84
CA THR B 106 -4.36 13.16 27.84
C THR B 106 -4.13 13.77 26.46
N LEU B 107 -3.27 13.16 25.66
CA LEU B 107 -3.08 13.64 24.29
C LEU B 107 -4.28 13.21 23.48
N ILE B 108 -5.07 14.16 22.99
CA ILE B 108 -6.22 13.87 22.16
C ILE B 108 -5.93 14.32 20.74
N ILE B 109 -6.14 13.42 19.78
CA ILE B 109 -5.89 13.70 18.37
C ILE B 109 -7.22 13.47 17.68
N ASP B 110 -7.86 14.56 17.26
CA ASP B 110 -9.21 14.51 16.71
C ASP B 110 -9.13 14.55 15.19
N CYS B 111 -9.59 13.48 14.54
CA CYS B 111 -9.63 13.48 13.08
C CYS B 111 -10.81 14.27 12.53
N GLY B 112 -11.81 14.58 13.36
CA GLY B 112 -12.95 15.34 12.92
C GLY B 112 -12.69 16.84 12.90
N ALA B 113 -13.75 17.60 12.64
CA ALA B 113 -13.61 19.02 12.34
C ALA B 113 -13.81 19.93 13.55
N ASP B 114 -14.23 19.41 14.71
CA ASP B 114 -14.80 20.28 15.73
C ASP B 114 -13.81 21.32 16.25
N PHE B 115 -12.51 21.04 16.21
CA PHE B 115 -11.53 21.98 16.75
C PHE B 115 -10.60 22.56 15.68
N ARG B 116 -10.99 22.47 14.40
CA ARG B 116 -10.14 22.98 13.32
C ARG B 116 -10.26 24.49 13.12
N LEU B 117 -11.45 25.04 13.21
CA LEU B 117 -11.69 26.41 12.78
C LEU B 117 -11.48 27.39 13.93
N THR B 118 -11.02 28.59 13.59
CA THR B 118 -10.73 29.61 14.59
C THR B 118 -11.75 30.74 14.61
N ASP B 119 -12.73 30.74 13.72
CA ASP B 119 -13.76 31.78 13.65
C ASP B 119 -15.10 31.14 13.99
N ALA B 120 -15.67 31.51 15.15
CA ALA B 120 -16.90 30.88 15.61
C ALA B 120 -18.06 31.15 14.65
N ALA B 121 -18.12 32.35 14.07
CA ALA B 121 -19.20 32.68 13.15
C ALA B 121 -19.12 31.81 11.89
N VAL B 122 -17.90 31.58 11.39
CA VAL B 122 -17.72 30.70 10.24
C VAL B 122 -18.14 29.27 10.59
N TRP B 123 -17.73 28.80 11.78
CA TRP B 123 -18.15 27.48 12.22
C TRP B 123 -19.67 27.37 12.24
N GLU B 124 -20.35 28.32 12.87
CA GLU B 124 -21.80 28.25 12.96
C GLU B 124 -22.45 28.22 11.59
N ARG B 125 -21.94 29.03 10.66
CA ARG B 125 -22.54 29.10 9.33
C ARG B 125 -22.45 27.75 8.60
N PHE B 126 -21.30 27.09 8.67
CA PHE B 126 -21.08 25.88 7.86
C PHE B 126 -21.44 24.60 8.59
N TYR B 127 -21.45 24.58 9.91
CA TYR B 127 -21.70 23.36 10.66
C TYR B 127 -22.97 23.39 11.49
N GLY B 128 -23.59 24.56 11.64
CA GLY B 128 -24.90 24.63 12.26
C GLY B 128 -24.93 24.26 13.72
N SER B 129 -23.87 24.60 14.46
CA SER B 129 -23.77 24.26 15.87
C SER B 129 -22.85 25.27 16.55
N SER B 130 -22.87 25.28 17.87
CA SER B 130 -22.01 26.16 18.63
C SER B 130 -20.55 25.79 18.42
N HIS B 131 -19.68 26.80 18.36
CA HIS B 131 -18.25 26.58 18.15
C HIS B 131 -17.61 26.04 19.42
N ALA B 132 -16.92 24.91 19.30
CA ALA B 132 -16.30 24.26 20.46
C ALA B 132 -14.94 24.84 20.84
N GLY B 133 -14.27 25.55 19.93
CA GLY B 133 -12.95 26.05 20.18
C GLY B 133 -12.00 25.64 19.07
N SER B 134 -10.70 25.84 19.32
CA SER B 134 -9.67 25.53 18.35
C SER B 134 -8.51 24.83 19.03
N TRP B 135 -7.97 23.81 18.37
CA TRP B 135 -6.79 23.11 18.80
C TRP B 135 -5.70 23.26 17.74
N PRO B 136 -4.43 23.09 18.11
CA PRO B 136 -3.34 23.16 17.12
C PRO B 136 -3.63 22.28 15.92
N TYR B 137 -3.49 22.89 14.74
CA TYR B 137 -3.85 22.25 13.46
C TYR B 137 -2.74 21.29 13.05
N GLY B 138 -3.09 20.03 12.80
CA GLY B 138 -2.11 18.99 12.59
C GLY B 138 -1.49 18.94 11.20
N LEU B 139 -1.01 20.08 10.70
CA LEU B 139 -0.40 20.17 9.37
C LEU B 139 0.99 20.78 9.61
N PRO B 140 1.97 19.96 9.99
CA PRO B 140 3.23 20.50 10.52
C PRO B 140 4.01 21.34 9.53
N GLU B 141 3.80 21.15 8.24
CA GLU B 141 4.51 21.90 7.21
C GLU B 141 4.02 23.33 7.04
N LEU B 142 2.84 23.67 7.56
CA LEU B 142 2.37 25.05 7.46
C LEU B 142 3.27 25.95 8.30
N PRO B 143 3.54 27.17 7.86
CA PRO B 143 4.36 28.08 8.66
C PRO B 143 3.80 28.19 10.07
N GLY B 144 4.68 28.03 11.06
CA GLY B 144 4.32 28.16 12.44
C GLY B 144 3.63 26.97 13.06
N ALA B 145 3.23 25.96 12.26
CA ALA B 145 2.41 24.88 12.79
C ALA B 145 3.22 23.93 13.64
N ARG B 146 4.46 23.66 13.24
CA ARG B 146 5.29 22.74 14.01
C ARG B 146 5.48 23.24 15.43
N ASP B 147 5.72 24.55 15.58
CA ASP B 147 5.88 25.17 16.90
C ASP B 147 4.67 24.90 17.80
N GLN B 148 3.47 25.04 17.25
CA GLN B 148 2.25 24.85 18.03
C GLN B 148 2.05 23.40 18.43
N LEU B 149 2.52 22.46 17.61
CA LEU B 149 2.29 21.05 17.88
C LEU B 149 3.27 20.46 18.91
N ARG B 150 4.49 20.97 18.98
CA ARG B 150 5.46 20.38 19.91
C ARG B 150 4.93 20.45 21.34
N GLY B 151 4.80 19.28 21.97
CA GLY B 151 4.35 19.24 23.34
C GLY B 151 2.89 19.56 23.57
N THR B 152 2.13 19.82 22.53
CA THR B 152 0.69 19.95 22.70
C THR B 152 0.11 18.64 23.27
N ARG B 153 -1.04 18.77 23.94
CA ARG B 153 -1.85 17.60 24.26
C ARG B 153 -3.15 17.61 23.47
N ARG B 154 -3.26 18.46 22.46
CA ARG B 154 -4.47 18.62 21.66
C ARG B 154 -4.07 18.83 20.21
N ILE B 155 -4.66 18.03 19.32
CA ILE B 155 -4.39 18.15 17.90
C ILE B 155 -5.70 18.04 17.15
N ALA B 156 -5.99 19.02 16.30
CA ALA B 156 -7.07 18.91 15.32
C ALA B 156 -6.45 18.53 13.98
N VAL B 157 -6.70 17.31 13.54
CA VAL B 157 -6.15 16.86 12.26
C VAL B 157 -6.84 17.59 11.12
N PRO B 158 -6.13 18.03 10.09
CA PRO B 158 -6.79 18.75 8.99
C PRO B 158 -7.72 17.85 8.20
N GLY B 159 -8.67 18.48 7.51
CA GLY B 159 -9.40 17.78 6.48
C GLY B 159 -8.50 17.38 5.33
N CYS B 160 -8.94 16.37 4.58
CA CYS B 160 -8.10 15.80 3.54
C CYS B 160 -7.93 16.77 2.36
N TYR B 161 -9.02 17.35 1.86
CA TYR B 161 -8.88 18.31 0.77
C TYR B 161 -8.07 19.54 1.18
N PRO B 162 -8.29 20.16 2.34
CA PRO B 162 -7.44 21.30 2.72
C PRO B 162 -5.97 20.95 2.78
N THR B 163 -5.62 19.74 3.22
CA THR B 163 -4.21 19.36 3.25
C THR B 163 -3.58 19.50 1.87
N ALA B 164 -4.25 18.95 0.84
CA ALA B 164 -3.70 19.01 -0.52
C ALA B 164 -3.67 20.45 -1.03
N ALA B 165 -4.75 21.20 -0.83
CA ALA B 165 -4.82 22.55 -1.36
C ALA B 165 -3.82 23.47 -0.68
N LEU B 166 -3.66 23.34 0.63
CA LEU B 166 -2.74 24.24 1.33
C LEU B 166 -1.28 23.95 0.97
N LEU B 167 -0.92 22.67 0.86
CA LEU B 167 0.46 22.37 0.44
C LEU B 167 0.73 22.85 -0.97
N ALA B 168 -0.31 22.83 -1.82
CA ALA B 168 -0.12 23.30 -3.19
C ALA B 168 0.08 24.80 -3.25
N LEU B 169 -0.61 25.55 -2.39
CA LEU B 169 -0.77 26.99 -2.58
C LEU B 169 -0.01 27.86 -1.60
N PHE B 170 0.26 27.39 -0.37
CA PHE B 170 0.71 28.36 0.63
C PHE B 170 2.07 28.99 0.28
N PRO B 171 3.04 28.28 -0.31
CA PRO B 171 4.33 28.96 -0.57
C PRO B 171 4.20 30.11 -1.53
N ALA B 172 3.40 29.95 -2.58
CA ALA B 172 3.19 31.05 -3.53
C ALA B 172 2.50 32.23 -2.84
N LEU B 173 1.48 31.96 -2.04
CA LEU B 173 0.70 33.04 -1.45
C LEU B 173 1.48 33.75 -0.35
N ALA B 174 2.23 32.98 0.45
CA ALA B 174 3.03 33.57 1.53
C ALA B 174 4.09 34.50 0.97
N ALA B 175 4.65 34.18 -0.19
CA ALA B 175 5.64 35.02 -0.85
C ALA B 175 5.02 36.13 -1.66
N ASP B 176 3.68 36.25 -1.63
CA ASP B 176 2.92 37.25 -2.39
C ASP B 176 3.26 37.19 -3.89
N LEU B 177 3.31 35.97 -4.41
CA LEU B 177 3.62 35.73 -5.82
C LEU B 177 2.39 35.35 -6.63
N ILE B 178 1.23 35.23 -6.00
CA ILE B 178 -0.05 34.99 -6.67
C ILE B 178 -1.11 35.87 -6.03
N GLU B 179 -2.21 36.05 -6.76
CA GLU B 179 -3.35 36.77 -6.21
C GLU B 179 -4.05 35.90 -5.15
N PRO B 180 -4.74 36.53 -4.20
CA PRO B 180 -5.35 35.77 -3.09
C PRO B 180 -6.71 35.18 -3.40
N ALA B 181 -7.11 35.19 -4.66
CA ALA B 181 -8.32 34.51 -5.12
C ALA B 181 -7.87 33.23 -5.79
N VAL B 182 -8.17 32.09 -5.17
CA VAL B 182 -7.65 30.81 -5.65
C VAL B 182 -8.81 29.93 -6.09
N THR B 183 -8.51 29.04 -7.03
CA THR B 183 -9.44 28.04 -7.53
C THR B 183 -8.83 26.68 -7.27
N VAL B 184 -9.61 25.79 -6.64
CA VAL B 184 -9.15 24.43 -6.36
C VAL B 184 -10.19 23.49 -6.93
N VAL B 185 -9.76 22.59 -7.81
CA VAL B 185 -10.60 21.48 -8.27
C VAL B 185 -9.84 20.21 -7.90
N ALA B 186 -10.38 19.42 -6.99
CA ALA B 186 -9.66 18.29 -6.43
C ALA B 186 -10.43 17.01 -6.64
N VAL B 187 -9.78 16.00 -7.24
CA VAL B 187 -10.42 14.70 -7.39
C VAL B 187 -10.06 13.87 -6.18
N SER B 188 -10.97 13.00 -5.76
CA SER B 188 -10.72 12.19 -4.58
C SER B 188 -11.31 10.81 -4.79
N GLY B 189 -10.61 9.81 -4.27
CA GLY B 189 -11.19 8.49 -4.13
C GLY B 189 -12.25 8.46 -3.04
N THR B 190 -12.98 7.35 -3.00
CA THR B 190 -14.21 7.31 -2.22
C THR B 190 -14.01 7.02 -0.74
N SER B 191 -12.82 6.57 -0.32
CA SER B 191 -12.66 6.29 1.11
C SER B 191 -12.75 7.55 1.95
N GLY B 192 -12.59 8.73 1.32
CA GLY B 192 -12.76 9.96 2.08
C GLY B 192 -14.15 10.12 2.65
N ALA B 193 -15.14 9.44 2.08
CA ALA B 193 -16.51 9.51 2.57
C ALA B 193 -16.74 8.69 3.84
N GLY B 194 -15.76 7.89 4.23
CA GLY B 194 -15.93 7.03 5.38
C GLY B 194 -16.77 5.81 5.03
N ARG B 195 -17.08 5.05 6.06
CA ARG B 195 -17.63 3.72 5.90
C ARG B 195 -19.14 3.67 6.05
N ALA B 196 -19.82 4.81 6.11
CA ALA B 196 -21.28 4.83 6.22
C ALA B 196 -21.90 4.47 4.87
N ALA B 197 -22.70 3.41 4.85
CA ALA B 197 -23.27 2.91 3.60
C ALA B 197 -24.38 3.83 3.11
N THR B 198 -24.18 4.44 1.93
CA THR B 198 -25.21 5.20 1.24
C THR B 198 -25.27 4.76 -0.22
N THR B 199 -26.44 4.92 -0.83
CA THR B 199 -26.60 4.48 -2.22
C THR B 199 -25.67 5.23 -3.16
N ASP B 200 -25.37 6.51 -2.87
CA ASP B 200 -24.50 7.27 -3.75
C ASP B 200 -23.06 6.81 -3.69
N LEU B 201 -22.68 6.04 -2.67
CA LEU B 201 -21.31 5.56 -2.54
C LEU B 201 -21.18 4.07 -2.83
N LEU B 202 -22.25 3.43 -3.30
CA LEU B 202 -22.17 2.04 -3.72
C LEU B 202 -21.18 1.87 -4.85
N GLY B 203 -20.46 0.74 -4.85
CA GLY B 203 -19.52 0.46 -5.91
C GLY B 203 -20.10 0.61 -7.30
N ALA B 204 -21.31 0.09 -7.53
CA ALA B 204 -21.86 0.13 -8.87
C ALA B 204 -22.06 1.55 -9.35
N GLU B 205 -22.41 2.45 -8.43
CA GLU B 205 -22.59 3.87 -8.76
C GLU B 205 -21.26 4.55 -9.03
N VAL B 206 -20.26 4.27 -8.17
CA VAL B 206 -19.01 5.01 -8.21
C VAL B 206 -18.12 4.52 -9.34
N ILE B 207 -18.09 3.22 -9.58
CA ILE B 207 -17.20 2.68 -10.59
C ILE B 207 -17.62 3.19 -11.96
N GLY B 208 -16.63 3.60 -12.76
CA GLY B 208 -16.87 4.11 -14.09
C GLY B 208 -17.57 5.46 -14.15
N SER B 209 -17.56 6.23 -13.07
CA SER B 209 -18.25 7.52 -13.06
C SER B 209 -17.41 8.53 -12.30
N ALA B 210 -17.60 9.80 -12.65
CA ALA B 210 -17.02 10.94 -11.96
C ALA B 210 -18.11 11.97 -11.73
N ARG B 211 -18.07 12.66 -10.59
CA ARG B 211 -19.08 13.70 -10.37
C ARG B 211 -18.55 14.71 -9.35
N ALA B 212 -18.79 15.98 -9.66
CA ALA B 212 -18.56 17.03 -8.68
C ALA B 212 -19.72 17.03 -7.68
N TYR B 213 -19.44 17.49 -6.47
CA TYR B 213 -20.49 17.54 -5.46
C TYR B 213 -20.21 18.71 -4.54
N ASN B 214 -21.24 19.11 -3.80
CA ASN B 214 -21.13 20.22 -2.83
C ASN B 214 -20.37 21.40 -3.44
N ILE B 215 -20.86 21.88 -4.59
CA ILE B 215 -20.11 22.87 -5.37
C ILE B 215 -20.46 24.29 -4.94
N ALA B 216 -19.70 25.25 -5.47
CA ALA B 216 -20.00 26.69 -5.41
C ALA B 216 -20.04 27.19 -3.97
N GLY B 217 -19.16 26.65 -3.13
CA GLY B 217 -18.93 27.21 -1.82
C GLY B 217 -19.67 26.54 -0.68
N VAL B 218 -20.48 25.52 -0.95
CA VAL B 218 -21.19 24.89 0.14
C VAL B 218 -20.38 23.80 0.84
N HIS B 219 -19.26 23.35 0.26
CA HIS B 219 -18.48 22.32 0.93
C HIS B 219 -17.76 22.89 2.14
N ARG B 220 -17.84 22.17 3.26
CA ARG B 220 -17.32 22.68 4.52
C ARG B 220 -15.80 22.81 4.53
N HIS B 221 -15.11 22.20 3.58
CA HIS B 221 -13.67 22.42 3.51
C HIS B 221 -13.30 23.76 2.89
N THR B 222 -14.25 24.47 2.27
CA THR B 222 -13.93 25.76 1.69
C THR B 222 -13.43 26.75 2.73
N PRO B 223 -14.13 26.97 3.86
CA PRO B 223 -13.59 27.91 4.86
C PRO B 223 -12.33 27.40 5.52
N GLU B 224 -12.12 26.08 5.55
CA GLU B 224 -10.90 25.55 6.12
C GLU B 224 -9.69 25.88 5.25
N ILE B 225 -9.84 25.75 3.92
CA ILE B 225 -8.78 26.20 3.01
C ILE B 225 -8.54 27.70 3.18
N ALA B 226 -9.62 28.47 3.23
CA ALA B 226 -9.49 29.92 3.37
C ALA B 226 -8.75 30.29 4.64
N GLN B 227 -9.06 29.59 5.74
CA GLN B 227 -8.43 29.89 7.02
C GLN B 227 -6.92 29.62 6.96
N GLY B 228 -6.53 28.50 6.37
CA GLY B 228 -5.11 28.18 6.29
C GLY B 228 -4.36 29.15 5.39
N LEU B 229 -5.01 29.60 4.32
CA LEU B 229 -4.35 30.56 3.43
C LEU B 229 -4.31 31.94 4.06
N ARG B 230 -5.37 32.33 4.76
CA ARG B 230 -5.37 33.64 5.42
C ARG B 230 -4.22 33.75 6.40
N ALA B 231 -3.80 32.62 6.97
CA ALA B 231 -2.74 32.64 7.97
C ALA B 231 -1.38 33.00 7.40
N VAL B 232 -1.18 32.90 6.08
CA VAL B 232 0.11 33.22 5.48
C VAL B 232 0.10 34.51 4.69
N THR B 233 -1.02 35.25 4.70
CA THR B 233 -1.08 36.51 3.98
C THR B 233 -1.94 37.51 4.75
N ASP B 234 -1.79 38.78 4.37
CA ASP B 234 -2.54 39.87 4.98
C ASP B 234 -3.73 40.31 4.13
N ARG B 235 -3.97 39.61 3.04
CA ARG B 235 -4.97 39.97 2.05
C ARG B 235 -6.23 39.15 2.26
N ASP B 236 -7.35 39.71 1.80
CA ASP B 236 -8.58 38.94 1.73
C ASP B 236 -8.37 37.75 0.80
N VAL B 237 -8.62 36.55 1.33
CA VAL B 237 -8.51 35.33 0.54
C VAL B 237 -9.91 34.92 0.12
N SER B 238 -10.06 34.52 -1.14
CA SER B 238 -11.28 33.87 -1.58
C SER B 238 -10.93 32.53 -2.20
N VAL B 239 -11.83 31.57 -2.05
CA VAL B 239 -11.54 30.19 -2.42
C VAL B 239 -12.72 29.64 -3.18
N SER B 240 -12.49 29.25 -4.43
CA SER B 240 -13.45 28.48 -5.21
C SER B 240 -13.00 27.03 -5.17
N PHE B 241 -13.74 26.19 -4.47
CA PHE B 241 -13.32 24.81 -4.22
C PHE B 241 -14.38 23.86 -4.76
N THR B 242 -13.97 22.99 -5.69
CA THR B 242 -14.87 21.99 -6.26
C THR B 242 -14.27 20.62 -6.04
N PRO B 243 -14.89 19.76 -5.22
CA PRO B 243 -14.45 18.36 -5.10
C PRO B 243 -15.13 17.48 -6.14
N VAL B 244 -14.39 16.50 -6.64
CA VAL B 244 -14.86 15.59 -7.68
C VAL B 244 -14.58 14.16 -7.23
N LEU B 245 -15.62 13.36 -7.09
CA LEU B 245 -15.45 11.95 -6.75
C LEU B 245 -15.09 11.13 -7.97
N ILE B 246 -14.06 10.28 -7.85
CA ILE B 246 -13.61 9.46 -8.98
C ILE B 246 -13.54 8.01 -8.53
N PRO B 247 -13.48 7.07 -9.49
CA PRO B 247 -13.53 5.62 -9.14
C PRO B 247 -12.21 5.06 -8.67
N ALA B 248 -11.75 5.57 -7.52
CA ALA B 248 -10.58 5.06 -6.86
C ALA B 248 -10.93 4.95 -5.38
N SER B 249 -10.20 4.09 -4.67
CA SER B 249 -10.49 4.01 -3.25
C SER B 249 -9.74 5.09 -2.47
N ARG B 250 -8.51 5.39 -2.84
CA ARG B 250 -7.69 6.39 -2.16
C ARG B 250 -7.14 7.41 -3.16
N GLY B 251 -6.74 8.55 -2.63
CA GLY B 251 -5.95 9.53 -3.36
C GLY B 251 -6.71 10.83 -3.57
N ILE B 252 -6.00 11.95 -3.41
CA ILE B 252 -6.50 13.26 -3.79
C ILE B 252 -5.49 13.88 -4.73
N LEU B 253 -5.96 14.34 -5.89
CA LEU B 253 -5.14 15.15 -6.78
C LEU B 253 -5.78 16.53 -6.85
N ALA B 254 -5.13 17.53 -6.27
CA ALA B 254 -5.66 18.88 -6.23
C ALA B 254 -5.01 19.70 -7.33
N THR B 255 -5.83 20.24 -8.24
CA THR B 255 -5.39 21.23 -9.22
C THR B 255 -5.76 22.60 -8.69
N CYS B 256 -4.76 23.44 -8.45
CA CYS B 256 -4.94 24.71 -7.76
C CYS B 256 -4.40 25.83 -8.64
N THR B 257 -5.19 26.88 -8.83
CA THR B 257 -4.82 27.96 -9.73
C THR B 257 -5.09 29.31 -9.08
N ALA B 258 -4.36 30.31 -9.58
CA ALA B 258 -4.50 31.68 -9.13
C ALA B 258 -3.83 32.56 -10.17
N ARG B 259 -4.33 33.78 -10.33
CA ARG B 259 -3.68 34.69 -11.25
C ARG B 259 -2.31 35.10 -10.71
N THR B 260 -1.39 35.38 -11.62
CA THR B 260 -0.05 35.78 -11.20
C THR B 260 0.57 36.71 -12.24
N ARG B 261 1.45 37.58 -11.76
CA ARG B 261 2.34 38.36 -12.62
C ARG B 261 3.80 38.02 -12.39
N SER B 262 4.08 36.97 -11.61
CA SER B 262 5.43 36.63 -11.22
C SER B 262 6.03 35.59 -12.15
N PRO B 263 7.33 35.64 -12.37
CA PRO B 263 7.97 34.66 -13.26
C PRO B 263 8.06 33.28 -12.60
N LEU B 264 8.02 32.25 -13.45
CA LEU B 264 8.12 30.88 -12.97
C LEU B 264 9.36 30.67 -12.11
N SER B 265 10.48 31.29 -12.49
CA SER B 265 11.71 31.08 -11.73
C SER B 265 11.54 31.49 -10.28
N GLN B 266 10.85 32.61 -10.04
CA GLN B 266 10.60 33.09 -8.69
C GLN B 266 9.65 32.18 -7.93
N LEU B 267 8.59 31.70 -8.60
CA LEU B 267 7.67 30.79 -7.94
C LEU B 267 8.37 29.48 -7.59
N ARG B 268 9.13 28.92 -8.54
CA ARG B 268 9.88 27.70 -8.26
C ARG B 268 10.81 27.88 -7.07
N ALA B 269 11.49 29.02 -6.99
CA ALA B 269 12.41 29.25 -5.89
C ALA B 269 11.67 29.29 -4.56
N ALA B 270 10.47 29.88 -4.55
CA ALA B 270 9.69 29.95 -3.31
C ALA B 270 9.31 28.55 -2.84
N TYR B 271 8.98 27.65 -3.77
CA TYR B 271 8.61 26.30 -3.37
C TYR B 271 9.83 25.51 -2.89
N GLU B 272 10.97 25.68 -3.56
CA GLU B 272 12.20 25.07 -3.09
C GLU B 272 12.55 25.54 -1.68
N LYS B 273 12.49 26.85 -1.45
CA LYS B 273 12.83 27.38 -0.14
C LYS B 273 11.91 26.81 0.93
N ALA B 274 10.61 26.68 0.62
CA ALA B 274 9.67 26.21 1.63
C ALA B 274 9.83 24.72 1.92
N TYR B 275 10.15 23.90 0.90
CA TYR B 275 10.01 22.46 1.03
C TYR B 275 11.31 21.68 0.96
N HIS B 276 12.46 22.32 0.77
CA HIS B 276 13.68 21.56 0.51
C HIS B 276 14.06 20.66 1.69
N ALA B 277 13.74 21.07 2.91
CA ALA B 277 14.06 20.29 4.09
C ALA B 277 12.82 19.66 4.73
N GLU B 278 11.71 19.59 4.00
CA GLU B 278 10.51 18.97 4.55
C GLU B 278 10.45 17.51 4.15
N PRO B 279 10.52 16.58 5.10
CA PRO B 279 10.69 15.16 4.74
C PRO B 279 9.54 14.57 3.95
N PHE B 280 8.32 15.06 4.12
CA PHE B 280 7.20 14.44 3.44
C PHE B 280 6.80 15.13 2.15
N ILE B 281 7.36 16.29 1.85
CA ILE B 281 6.94 17.06 0.68
C ILE B 281 7.99 16.89 -0.41
N TYR B 282 7.57 16.37 -1.56
CA TYR B 282 8.46 16.07 -2.67
C TYR B 282 8.09 16.99 -3.81
N LEU B 283 9.00 17.90 -4.16
CA LEU B 283 8.82 18.76 -5.33
C LEU B 283 9.27 18.01 -6.58
N MET B 284 8.37 17.85 -7.55
CA MET B 284 8.67 17.05 -8.73
C MET B 284 9.82 17.67 -9.50
N PRO B 285 10.76 16.87 -9.99
CA PRO B 285 11.75 17.38 -10.94
C PRO B 285 11.06 18.04 -12.13
N GLU B 286 11.70 19.07 -12.68
CA GLU B 286 11.14 19.79 -13.83
C GLU B 286 10.79 18.80 -14.94
N GLY B 287 9.59 18.92 -15.48
CA GLY B 287 9.11 17.99 -16.48
C GLY B 287 8.32 16.81 -15.95
N GLN B 288 8.24 16.62 -14.65
CA GLN B 288 7.41 15.56 -14.07
C GLN B 288 6.24 16.17 -13.33
N LEU B 289 5.15 15.42 -13.24
CA LEU B 289 3.94 15.88 -12.57
C LEU B 289 3.47 14.83 -11.57
N PRO B 290 2.77 15.24 -10.51
CA PRO B 290 2.34 14.26 -9.50
C PRO B 290 1.29 13.28 -10.03
N ARG B 291 1.21 12.12 -9.36
CA ARG B 291 0.11 11.20 -9.58
C ARG B 291 -0.24 10.55 -8.26
N THR B 292 -1.53 10.36 -8.01
CA THR B 292 -1.92 9.83 -6.71
C THR B 292 -1.41 8.41 -6.52
N GLY B 293 -1.28 7.66 -7.61
CA GLY B 293 -0.75 6.30 -7.49
C GLY B 293 0.61 6.24 -6.82
N ALA B 294 1.42 7.28 -7.01
CA ALA B 294 2.78 7.27 -6.50
C ALA B 294 2.86 7.52 -5.00
N VAL B 295 1.77 7.99 -4.38
CA VAL B 295 1.80 8.33 -2.96
C VAL B 295 0.90 7.44 -2.13
N ILE B 296 0.17 6.50 -2.75
CA ILE B 296 -0.75 5.65 -1.99
C ILE B 296 0.01 4.86 -0.94
N GLY B 297 -0.52 4.84 0.27
CA GLY B 297 0.12 4.14 1.38
C GLY B 297 1.28 4.86 2.01
N SER B 298 1.66 6.02 1.49
CA SER B 298 2.75 6.82 2.05
C SER B 298 2.18 8.06 2.70
N ASN B 299 3.00 8.72 3.54
CA ASN B 299 2.64 10.01 4.11
C ASN B 299 3.13 11.18 3.25
N ALA B 300 3.45 10.94 1.99
CA ALA B 300 4.07 11.97 1.16
C ALA B 300 3.02 12.82 0.45
N ALA B 301 3.42 14.03 0.10
CA ALA B 301 2.72 14.87 -0.86
C ALA B 301 3.68 15.14 -2.01
N HIS B 302 3.22 14.93 -3.24
CA HIS B 302 4.02 15.24 -4.42
C HIS B 302 3.43 16.47 -5.07
N ILE B 303 4.29 17.47 -5.34
CA ILE B 303 3.84 18.80 -5.75
C ILE B 303 4.63 19.24 -6.99
N ALA B 304 3.93 19.82 -7.95
CA ALA B 304 4.57 20.49 -9.08
C ALA B 304 3.89 21.83 -9.30
N VAL B 305 4.64 22.80 -9.81
CA VAL B 305 4.12 24.14 -10.08
C VAL B 305 4.50 24.55 -11.49
N ALA B 306 3.71 25.47 -12.05
CA ALA B 306 3.92 25.93 -13.41
C ALA B 306 3.24 27.27 -13.59
N VAL B 307 3.58 27.96 -14.68
CA VAL B 307 2.94 29.21 -15.02
C VAL B 307 2.39 29.11 -16.44
N ASP B 308 1.09 29.41 -16.58
CA ASP B 308 0.41 29.53 -17.86
C ASP B 308 0.55 30.98 -18.28
N GLU B 309 1.55 31.28 -19.13
CA GLU B 309 1.85 32.68 -19.42
C GLU B 309 0.71 33.35 -20.17
N ASP B 310 0.11 32.66 -21.13
CA ASP B 310 -0.98 33.25 -21.89
C ASP B 310 -2.14 33.61 -20.98
N ALA B 311 -2.45 32.74 -20.02
CA ALA B 311 -3.56 32.98 -19.10
C ALA B 311 -3.15 33.73 -17.85
N GLN B 312 -1.89 34.13 -17.73
CA GLN B 312 -1.36 34.80 -16.54
C GLN B 312 -1.82 34.08 -15.28
N THR B 313 -1.65 32.77 -15.28
CA THR B 313 -2.20 31.92 -14.24
C THR B 313 -1.13 30.98 -13.70
N PHE B 314 -1.00 30.94 -12.38
CA PHE B 314 -0.18 29.98 -11.68
C PHE B 314 -0.96 28.68 -11.50
N VAL B 315 -0.29 27.55 -11.72
CA VAL B 315 -0.90 26.24 -11.54
C VAL B 315 -0.05 25.44 -10.57
N ALA B 316 -0.67 24.93 -9.52
CA ALA B 316 0.01 24.03 -8.59
C ALA B 316 -0.79 22.73 -8.49
N ILE B 317 -0.10 21.60 -8.66
CA ILE B 317 -0.70 20.27 -8.54
C ILE B 317 -0.15 19.59 -7.29
N ALA B 318 -1.04 19.03 -6.48
CA ALA B 318 -0.62 18.26 -5.31
C ALA B 318 -1.32 16.91 -5.26
N ALA B 319 -0.55 15.85 -5.01
CA ALA B 319 -1.10 14.51 -4.83
C ALA B 319 -0.80 14.04 -3.42
N ILE B 320 -1.82 13.52 -2.73
CA ILE B 320 -1.64 12.87 -1.44
C ILE B 320 -2.51 11.62 -1.40
N ASP B 321 -2.18 10.74 -0.46
CA ASP B 321 -3.13 9.71 -0.06
C ASP B 321 -4.08 10.32 0.97
N ASN B 322 -5.38 10.38 0.64
CA ASN B 322 -6.33 11.02 1.54
C ASN B 322 -6.35 10.37 2.91
N LEU B 323 -6.10 9.06 2.98
CA LEU B 323 -6.15 8.37 4.26
C LEU B 323 -4.85 8.46 5.03
N VAL B 324 -3.74 8.78 4.38
CA VAL B 324 -2.47 8.92 5.11
C VAL B 324 -2.17 10.39 5.33
N LYS B 325 -1.51 11.08 4.38
CA LYS B 325 -1.19 12.48 4.67
C LYS B 325 -2.46 13.31 4.86
N GLY B 326 -3.58 12.89 4.25
CA GLY B 326 -4.84 13.61 4.44
C GLY B 326 -5.60 13.30 5.72
N THR B 327 -5.24 12.24 6.45
CA THR B 327 -5.93 11.84 7.67
C THR B 327 -5.02 11.15 8.70
N ALA B 328 -4.86 9.83 8.59
CA ALA B 328 -4.20 9.07 9.66
C ALA B 328 -2.71 9.34 9.73
N GLY B 329 -2.05 9.59 8.59
CA GLY B 329 -0.63 9.88 8.62
C GLY B 329 -0.36 11.23 9.26
N ALA B 330 -1.21 12.21 8.96
CA ALA B 330 -1.13 13.50 9.62
C ALA B 330 -1.34 13.35 11.13
N ALA B 331 -2.25 12.47 11.53
CA ALA B 331 -2.51 12.25 12.95
C ALA B 331 -1.29 11.65 13.64
N VAL B 332 -0.65 10.67 13.00
CA VAL B 332 0.51 10.02 13.61
C VAL B 332 1.72 10.96 13.58
N GLN B 333 1.88 11.71 12.48
CA GLN B 333 2.94 12.70 12.38
C GLN B 333 2.85 13.72 13.50
N SER B 334 1.64 14.22 13.75
CA SER B 334 1.42 15.21 14.80
C SER B 334 1.58 14.57 16.17
N MET B 335 1.16 13.30 16.31
CA MET B 335 1.42 12.53 17.52
C MET B 335 2.91 12.49 17.84
N ASN B 336 3.74 12.15 16.84
CA ASN B 336 5.18 12.09 17.06
C ASN B 336 5.69 13.42 17.60
N LEU B 337 5.25 14.52 16.99
CA LEU B 337 5.68 15.83 17.46
C LEU B 337 5.20 16.10 18.87
N ALA B 338 3.96 15.73 19.19
CA ALA B 338 3.42 16.00 20.52
C ALA B 338 4.21 15.26 21.59
N LEU B 339 4.67 14.05 21.28
CA LEU B 339 5.36 13.20 22.23
C LEU B 339 6.87 13.39 22.22
N GLY B 340 7.39 14.24 21.33
CA GLY B 340 8.83 14.42 21.25
C GLY B 340 9.56 13.28 20.58
N TRP B 341 8.86 12.48 19.78
CA TRP B 341 9.47 11.43 18.98
C TRP B 341 9.84 11.97 17.62
N PRO B 342 10.83 11.36 16.95
CA PRO B 342 11.18 11.78 15.60
C PRO B 342 9.94 11.86 14.72
N GLU B 343 9.78 13.01 14.06
CA GLU B 343 8.54 13.29 13.33
C GLU B 343 8.23 12.23 12.27
N THR B 344 9.26 11.61 11.68
CA THR B 344 9.04 10.65 10.62
C THR B 344 8.81 9.22 11.10
N ASP B 345 8.80 8.97 12.41
CA ASP B 345 8.66 7.61 12.91
C ASP B 345 7.36 6.97 12.44
N GLY B 346 7.46 5.79 11.83
CA GLY B 346 6.31 5.05 11.35
C GLY B 346 5.69 5.55 10.07
N LEU B 347 6.32 6.53 9.41
CA LEU B 347 5.70 7.22 8.27
C LEU B 347 6.63 7.21 7.06
N SER B 348 6.38 6.27 6.14
CA SER B 348 7.17 6.16 4.94
C SER B 348 6.78 7.20 3.90
N VAL B 349 7.75 7.62 3.10
CA VAL B 349 7.49 8.46 1.94
C VAL B 349 7.33 7.67 0.66
N VAL B 350 7.45 6.34 0.72
CA VAL B 350 7.46 5.48 -0.46
C VAL B 350 6.07 4.93 -0.71
N GLY B 351 5.52 5.23 -1.88
CA GLY B 351 4.19 4.75 -2.22
C GLY B 351 4.16 3.28 -2.59
N VAL B 352 2.97 2.69 -2.47
CA VAL B 352 2.72 1.31 -2.86
C VAL B 352 2.08 1.38 -4.24
N ALA B 353 2.92 1.32 -5.28
CA ALA B 353 2.52 1.41 -6.68
C ALA B 353 3.12 0.26 -7.45
N PRO B 354 2.48 -0.19 -8.55
CA PRO B 354 1.21 0.29 -9.07
C PRO B 354 0.03 -0.22 -8.25
C10 UJQ C . 2.96 -12.55 -19.00
C13 UJQ C . 0.28 -12.37 -16.28
C15 UJQ C . -0.88 -11.96 -14.20
C17 UJQ C . -1.64 -10.99 -16.27
C02 UJQ C . 1.02 -14.49 -17.19
C04 UJQ C . 1.44 -13.05 -17.03
C05 UJQ C . 1.72 -12.38 -18.38
C06 UJQ C . 0.76 -11.60 -19.00
C07 UJQ C . 1.07 -10.98 -20.23
C08 UJQ C . 2.31 -11.15 -20.83
C09 UJQ C . 3.26 -11.95 -20.21
C12 UJQ C . -0.62 -11.60 -16.98
C14 UJQ C . 0.16 -12.55 -14.90
C16 UJQ C . -1.78 -11.16 -14.90
O01 UJQ C . 1.90 -15.39 -17.25
O03 UJQ C . -0.21 -14.77 -17.24
O11 UJQ C . -0.53 -11.38 -18.41
C1 BTB D . 17.82 -7.23 11.31
O1 BTB D . 17.37 -8.54 11.51
C2 BTB D . 19.10 -7.20 10.46
C3 BTB D . 18.93 -8.08 9.23
O3 BTB D . 17.81 -7.66 8.46
C4 BTB D . 19.30 -5.76 10.00
O4 BTB D . 20.59 -5.64 9.45
N BTB D . 20.31 -7.59 11.21
C5 BTB D . 20.38 -6.87 12.49
C6 BTB D . 21.84 -6.57 12.87
O6 BTB D . 22.49 -5.87 11.83
C7 BTB D . 20.42 -9.02 11.42
C8 BTB D . 21.64 -9.64 10.72
O8 BTB D . 22.61 -8.65 10.43
C10 UJQ E . -18.17 13.32 4.04
C13 UJQ E . -15.61 13.03 1.22
C15 UJQ E . -13.62 12.53 -0.04
C17 UJQ E . -15.77 11.68 -0.77
C02 UJQ E . -16.47 15.19 2.12
C04 UJQ E . -16.26 13.72 2.42
C05 UJQ E . -17.63 13.11 2.76
C06 UJQ E . -18.33 12.39 1.82
C07 UJQ E . -19.58 11.84 2.16
C08 UJQ E . -20.12 12.03 3.43
C09 UJQ E . -19.40 12.77 4.38
C12 UJQ E . -16.38 12.31 0.33
C14 UJQ E . -14.23 13.15 1.04
C16 UJQ E . -14.39 11.80 -0.95
O01 UJQ E . -16.65 15.99 3.08
O03 UJQ E . -16.46 15.59 0.93
O11 UJQ E . -17.82 12.18 0.49
C1 BTB F . 10.06 6.59 19.24
O1 BTB F . 9.19 6.21 18.20
C2 BTB F . 11.22 5.59 19.36
C3 BTB F . 10.66 4.19 19.57
O3 BTB F . 10.24 4.11 20.91
C4 BTB F . 12.04 5.57 18.07
O4 BTB F . 12.32 6.88 17.63
N BTB F . 12.06 5.87 20.54
C5 BTB F . 12.47 7.27 20.66
C6 BTB F . 11.78 7.95 21.86
O6 BTB F . 11.44 6.98 22.82
C7 BTB F . 13.24 5.00 20.50
C8 BTB F . 13.67 4.66 21.94
O8 BTB F . 12.61 4.07 22.63
#